data_6B67
#
_entry.id   6B67
#
_cell.length_a   159.030
_cell.length_b   89.570
_cell.length_c   70.050
_cell.angle_alpha   90.00
_cell.angle_beta   113.86
_cell.angle_gamma   90.00
#
_symmetry.space_group_name_H-M   'C 1 2 1'
#
loop_
_entity.id
_entity.type
_entity.pdbx_description
1 polymer 'Protein phosphatase 1A'
2 polymer 'cyclic peptide c(MpSIpYVA)'
3 non-polymer 'CALCIUM ION'
4 water water
#
loop_
_entity_poly.entity_id
_entity_poly.type
_entity_poly.pdbx_seq_one_letter_code
_entity_poly.pdbx_strand_id
1 'polypeptide(L)'
;GAFLDKPKMEKHNAQGQGNGLRYGLSSMQGWRVEMEDAHTAVIGLPSGLESWSFFAVYDGHAGSQVAKYCCEHLLDHITN
NQDFKGSAGAPSVENVKNGIRTGFLEIDEHMRVMSEKKHGADRSGSTAVGVLISPQHTYFINCGESRGLLCRNRKVHFFT
QDHKPSNPLEKERIQNAGGSVMIQRVNGSLAVSRALGDFDYKCVHGKGPTEQLVSPEPEVHDIERSEEDDQFIILACDGI
WDVMGNEELCDFVRSRLEVTDDLEKVCNEVVDTCLYKGSRDNMSVILICFPNAPKV
;
A,B,C
2 'polypeptide(L)' M(SEP)I(PTR)VA(48V) D,E,F
#
# COMPACT_ATOMS: atom_id res chain seq x y z
N GLY A 1 23.13 -16.84 -22.60
CA GLY A 1 22.40 -16.79 -23.85
C GLY A 1 21.73 -15.44 -24.07
N ALA A 2 21.67 -15.00 -25.32
CA ALA A 2 21.06 -13.72 -25.61
C ALA A 2 19.57 -13.84 -25.86
N PHE A 3 19.12 -15.00 -26.33
CA PHE A 3 17.73 -15.14 -26.69
C PHE A 3 16.93 -16.22 -26.00
N LEU A 4 15.63 -16.00 -25.94
CA LEU A 4 14.65 -16.95 -25.38
C LEU A 4 14.26 -17.90 -26.53
N ASP A 5 13.55 -18.98 -26.23
CA ASP A 5 13.11 -19.90 -27.26
C ASP A 5 11.80 -19.41 -27.88
N LYS A 6 11.03 -18.68 -27.07
CA LYS A 6 9.74 -18.11 -27.46
C LYS A 6 9.83 -16.67 -26.97
N PRO A 7 9.43 -15.70 -27.81
CA PRO A 7 9.51 -14.29 -27.39
C PRO A 7 8.48 -13.88 -26.33
N LYS A 8 8.89 -12.99 -25.43
CA LYS A 8 8.01 -12.45 -24.41
C LYS A 8 7.37 -11.22 -25.08
N MET A 9 6.11 -11.37 -25.46
CA MET A 9 5.40 -10.32 -26.17
C MET A 9 4.53 -9.36 -25.39
N GLU A 10 4.44 -9.56 -24.09
CA GLU A 10 3.65 -8.66 -23.24
C GLU A 10 4.13 -7.20 -23.38
N LYS A 11 3.20 -6.29 -23.52
CA LYS A 11 3.55 -4.89 -23.68
C LYS A 11 3.16 -4.06 -22.48
N HIS A 12 4.02 -3.12 -22.14
CA HIS A 12 3.72 -2.19 -21.05
C HIS A 12 3.37 -0.91 -21.81
N ASN A 13 2.27 -0.26 -21.43
CA ASN A 13 1.88 0.97 -22.10
C ASN A 13 1.64 2.08 -21.08
N ALA A 14 1.80 3.31 -21.54
CA ALA A 14 1.51 4.49 -20.72
C ALA A 14 1.13 5.59 -21.70
N GLN A 15 0.40 6.58 -21.21
CA GLN A 15 -0.01 7.69 -22.04
C GLN A 15 -0.31 8.88 -21.12
N GLY A 16 -0.36 10.08 -21.70
CA GLY A 16 -0.64 11.26 -20.92
C GLY A 16 -0.84 12.44 -21.83
N GLN A 17 -1.15 13.60 -21.26
CA GLN A 17 -1.36 14.79 -22.07
C GLN A 17 -1.17 16.05 -21.22
N GLY A 18 -0.95 17.17 -21.90
CA GLY A 18 -0.72 18.43 -21.21
C GLY A 18 0.15 19.30 -22.10
N ASN A 19 0.19 20.60 -21.81
CA ASN A 19 0.98 21.56 -22.60
C ASN A 19 0.72 21.45 -24.10
N GLY A 20 -0.51 21.11 -24.47
CA GLY A 20 -0.87 20.95 -25.87
C GLY A 20 -0.42 19.61 -26.48
N LEU A 21 0.36 18.82 -25.75
CA LEU A 21 0.87 17.54 -26.26
C LEU A 21 0.10 16.33 -25.78
N ARG A 22 0.22 15.22 -26.51
CA ARG A 22 -0.37 13.94 -26.13
C ARG A 22 0.73 12.90 -26.40
N TYR A 23 0.89 11.92 -25.53
CA TYR A 23 1.89 10.91 -25.80
C TYR A 23 1.39 9.53 -25.46
N GLY A 24 1.98 8.54 -26.11
CA GLY A 24 1.71 7.14 -25.84
C GLY A 24 3.06 6.44 -25.91
N LEU A 25 3.19 5.28 -25.27
CA LEU A 25 4.45 4.54 -25.36
C LEU A 25 4.24 3.06 -25.20
N SER A 26 5.19 2.28 -25.69
CA SER A 26 5.10 0.82 -25.60
C SER A 26 6.48 0.25 -25.39
N SER A 27 6.54 -0.71 -24.48
CA SER A 27 7.78 -1.40 -24.12
C SER A 27 7.53 -2.91 -24.19
N MET A 28 8.45 -3.64 -24.80
CA MET A 28 8.33 -5.08 -24.96
C MET A 28 9.68 -5.79 -24.89
N GLN A 29 9.73 -6.89 -24.16
CA GLN A 29 10.97 -7.67 -24.01
C GLN A 29 11.35 -8.42 -25.27
N GLY A 30 10.34 -9.03 -25.92
CA GLY A 30 10.58 -9.77 -27.15
C GLY A 30 11.45 -11.00 -26.96
N TRP A 31 12.35 -11.23 -27.93
CA TRP A 31 13.22 -12.41 -27.90
C TRP A 31 14.40 -12.41 -26.94
N ARG A 32 14.69 -11.28 -26.30
CA ARG A 32 15.81 -11.20 -25.36
C ARG A 32 15.48 -11.84 -24.00
N VAL A 33 16.51 -12.41 -23.41
CA VAL A 33 16.41 -13.06 -22.13
C VAL A 33 16.10 -12.04 -21.03
N GLU A 34 16.64 -10.83 -21.12
CA GLU A 34 16.36 -9.80 -20.12
C GLU A 34 15.66 -8.63 -20.80
N MET A 35 15.10 -7.73 -20.01
CA MET A 35 14.48 -6.51 -20.50
C MET A 35 15.35 -5.43 -19.88
N GLU A 36 16.10 -4.71 -20.70
CA GLU A 36 16.98 -3.68 -20.13
C GLU A 36 16.72 -2.25 -20.57
N ASP A 37 15.53 -2.00 -21.11
CA ASP A 37 15.15 -0.67 -21.53
C ASP A 37 14.48 0.03 -20.39
N ALA A 38 14.55 1.36 -20.38
CA ALA A 38 13.86 2.16 -19.38
C ALA A 38 13.36 3.38 -20.15
N HIS A 39 12.46 4.17 -19.58
CA HIS A 39 12.00 5.36 -20.30
C HIS A 39 11.50 6.42 -19.32
N THR A 40 11.46 7.67 -19.79
CA THR A 40 11.00 8.79 -18.97
C THR A 40 9.96 9.55 -19.80
N ALA A 41 8.85 9.92 -19.18
CA ALA A 41 7.82 10.67 -19.90
C ALA A 41 7.20 11.63 -18.90
N VAL A 42 7.47 12.91 -19.05
CA VAL A 42 6.92 13.88 -18.13
C VAL A 42 6.47 15.17 -18.77
N ILE A 43 5.22 15.53 -18.49
CA ILE A 43 4.65 16.76 -18.99
C ILE A 43 4.61 17.77 -17.83
N GLY A 44 5.39 18.83 -17.96
CA GLY A 44 5.41 19.81 -16.90
C GLY A 44 6.54 19.51 -15.93
N LEU A 45 7.59 20.31 -16.03
CA LEU A 45 8.74 20.18 -15.17
C LEU A 45 8.56 21.21 -14.05
N PRO A 46 9.30 21.03 -12.94
CA PRO A 46 9.22 21.92 -11.78
C PRO A 46 9.87 23.31 -11.90
N SER A 47 9.81 24.03 -10.78
CA SER A 47 10.38 25.36 -10.62
C SER A 47 10.33 26.34 -11.79
N GLY A 48 9.15 26.52 -12.36
CA GLY A 48 9.04 27.47 -13.46
C GLY A 48 9.12 26.87 -14.84
N LEU A 49 9.19 25.56 -14.97
CA LEU A 49 9.23 24.91 -16.28
C LEU A 49 7.96 24.08 -16.50
N GLU A 50 6.85 24.56 -15.95
CA GLU A 50 5.60 23.83 -16.04
C GLU A 50 5.11 23.69 -17.47
N SER A 51 5.54 24.59 -18.34
CA SER A 51 5.14 24.55 -19.74
C SER A 51 6.11 23.69 -20.57
N TRP A 52 7.06 23.05 -19.89
CA TRP A 52 8.05 22.21 -20.57
C TRP A 52 7.73 20.72 -20.37
N SER A 53 8.19 19.90 -21.31
CA SER A 53 7.98 18.45 -21.26
C SER A 53 9.29 17.77 -21.63
N PHE A 54 9.45 16.53 -21.18
CA PHE A 54 10.64 15.75 -21.46
C PHE A 54 10.27 14.27 -21.66
N PHE A 55 10.80 13.67 -22.71
CA PHE A 55 10.56 12.26 -23.04
C PHE A 55 11.91 11.61 -23.36
N ALA A 56 12.10 10.36 -22.95
CA ALA A 56 13.37 9.71 -23.23
C ALA A 56 13.29 8.20 -23.18
N VAL A 57 14.09 7.56 -24.03
CA VAL A 57 14.18 6.12 -24.09
C VAL A 57 15.64 5.75 -23.76
N TYR A 58 15.81 4.82 -22.83
CA TYR A 58 17.13 4.38 -22.41
C TYR A 58 17.31 2.88 -22.74
N ASP A 59 18.30 2.58 -23.57
CA ASP A 59 18.59 1.21 -23.98
C ASP A 59 19.79 0.70 -23.19
N GLY A 60 19.52 -0.01 -22.11
CA GLY A 60 20.61 -0.50 -21.29
C GLY A 60 21.27 -1.74 -21.86
N HIS A 61 22.49 -1.99 -21.39
CA HIS A 61 23.26 -3.18 -21.79
C HIS A 61 24.12 -3.58 -20.60
N ALA A 62 24.34 -4.89 -20.50
CA ALA A 62 25.13 -5.48 -19.44
C ALA A 62 24.47 -5.17 -18.08
N GLY A 63 23.14 -5.24 -18.04
CA GLY A 63 22.40 -4.96 -16.83
C GLY A 63 21.45 -3.79 -17.07
N SER A 64 20.52 -3.56 -16.16
CA SER A 64 19.57 -2.46 -16.34
C SER A 64 19.73 -1.31 -15.34
N GLN A 65 20.76 -1.38 -14.49
CA GLN A 65 20.99 -0.38 -13.45
C GLN A 65 21.24 1.06 -13.91
N VAL A 66 22.09 1.24 -14.89
CA VAL A 66 22.38 2.57 -15.39
C VAL A 66 21.12 3.18 -16.07
N ALA A 67 20.44 2.36 -16.88
CA ALA A 67 19.23 2.78 -17.58
C ALA A 67 18.15 3.22 -16.60
N LYS A 68 17.92 2.39 -15.58
CA LYS A 68 16.94 2.69 -14.56
C LYS A 68 17.31 3.97 -13.81
N TYR A 69 18.59 4.12 -13.49
CA TYR A 69 19.02 5.32 -12.75
C TYR A 69 18.82 6.54 -13.65
N CYS A 70 19.18 6.41 -14.91
CA CYS A 70 19.00 7.51 -15.85
C CYS A 70 17.51 7.90 -15.96
N CYS A 71 16.63 6.90 -16.06
CA CYS A 71 15.23 7.21 -16.21
C CYS A 71 14.66 7.91 -15.00
N GLU A 72 15.29 7.69 -13.85
CA GLU A 72 14.83 8.32 -12.62
C GLU A 72 15.50 9.67 -12.32
N HIS A 73 16.69 9.91 -12.87
CA HIS A 73 17.41 11.14 -12.51
C HIS A 73 18.01 12.01 -13.60
N LEU A 74 18.11 11.50 -14.82
CA LEU A 74 18.72 12.30 -15.87
C LEU A 74 18.08 13.69 -16.00
N LEU A 75 16.75 13.74 -15.99
CA LEU A 75 16.06 15.04 -16.11
C LEU A 75 16.50 16.04 -15.02
N ASP A 76 16.62 15.57 -13.78
CA ASP A 76 17.02 16.43 -12.67
C ASP A 76 18.42 17.01 -12.90
N HIS A 77 19.35 16.14 -13.27
CA HIS A 77 20.72 16.58 -13.53
C HIS A 77 20.82 17.60 -14.64
N ILE A 78 19.91 17.52 -15.61
CA ILE A 78 19.87 18.42 -16.75
C ILE A 78 19.38 19.81 -16.36
N THR A 79 18.26 19.87 -15.64
CA THR A 79 17.68 21.13 -15.24
C THR A 79 18.24 21.80 -13.98
N ASN A 80 18.81 21.02 -13.07
CA ASN A 80 19.36 21.60 -11.83
C ASN A 80 20.77 22.21 -11.89
N ASN A 81 21.52 22.01 -12.97
CA ASN A 81 22.87 22.56 -13.06
C ASN A 81 22.91 24.05 -13.50
N GLN A 82 24.00 24.72 -13.15
CA GLN A 82 24.18 26.15 -13.44
C GLN A 82 24.16 26.51 -14.91
N ASP A 83 24.66 25.61 -15.76
CA ASP A 83 24.68 25.86 -17.19
C ASP A 83 23.27 25.92 -17.77
N PHE A 84 22.41 25.01 -17.34
CA PHE A 84 21.03 24.99 -17.81
C PHE A 84 20.33 26.27 -17.36
N LYS A 85 20.58 26.66 -16.11
CA LYS A 85 19.96 27.85 -15.54
C LYS A 85 20.41 29.16 -16.18
N GLY A 86 21.73 29.30 -16.41
CA GLY A 86 22.27 30.51 -17.02
C GLY A 86 21.84 31.81 -16.37
N SER A 87 21.84 31.84 -15.03
CA SER A 87 21.45 33.00 -14.20
C SER A 87 20.94 34.25 -14.92
N ALA A 88 19.62 34.31 -15.05
CA ALA A 88 18.91 35.41 -15.68
C ALA A 88 17.45 34.96 -15.62
N GLY A 89 16.68 35.20 -16.66
CA GLY A 89 15.29 34.78 -16.67
C GLY A 89 15.16 33.32 -17.02
N ALA A 90 14.68 33.07 -18.23
CA ALA A 90 14.51 31.72 -18.71
C ALA A 90 15.78 31.33 -19.47
N PRO A 91 16.08 30.02 -19.51
CA PRO A 91 17.28 29.58 -20.22
C PRO A 91 17.23 29.92 -21.71
N SER A 92 18.36 30.32 -22.26
CA SER A 92 18.46 30.61 -23.68
C SER A 92 18.67 29.25 -24.33
N VAL A 93 18.57 29.22 -25.64
CA VAL A 93 18.79 28.00 -26.40
C VAL A 93 20.16 27.42 -26.01
N GLU A 94 21.15 28.30 -25.91
CA GLU A 94 22.52 27.90 -25.55
C GLU A 94 22.57 27.33 -24.14
N ASN A 95 21.84 27.96 -23.21
CA ASN A 95 21.77 27.47 -21.84
C ASN A 95 21.22 26.04 -21.84
N VAL A 96 20.12 25.82 -22.56
CA VAL A 96 19.52 24.49 -22.60
C VAL A 96 20.50 23.46 -23.17
N LYS A 97 21.13 23.78 -24.29
CA LYS A 97 22.08 22.86 -24.90
C LYS A 97 23.28 22.57 -24.00
N ASN A 98 23.80 23.60 -23.34
CA ASN A 98 24.94 23.39 -22.45
C ASN A 98 24.50 22.66 -21.20
N GLY A 99 23.27 22.96 -20.74
CA GLY A 99 22.73 22.32 -19.54
C GLY A 99 22.52 20.82 -19.76
N ILE A 100 22.10 20.45 -20.97
CA ILE A 100 21.88 19.04 -21.30
C ILE A 100 23.21 18.31 -21.30
N ARG A 101 24.22 18.92 -21.91
CA ARG A 101 25.55 18.32 -21.95
C ARG A 101 26.08 18.14 -20.52
N THR A 102 25.97 19.19 -19.70
CA THR A 102 26.44 19.11 -18.32
C THR A 102 25.66 18.04 -17.52
N GLY A 103 24.38 17.88 -17.84
CA GLY A 103 23.56 16.91 -17.15
C GLY A 103 24.10 15.50 -17.40
N PHE A 104 24.39 15.20 -18.65
CA PHE A 104 24.94 13.88 -19.01
C PHE A 104 26.27 13.61 -18.29
N LEU A 105 27.22 14.53 -18.39
CA LEU A 105 28.52 14.35 -17.73
C LEU A 105 28.40 14.25 -16.21
N GLU A 106 27.48 15.01 -15.62
CA GLU A 106 27.33 14.96 -14.17
C GLU A 106 26.67 13.70 -13.67
N ILE A 107 25.59 13.25 -14.32
CA ILE A 107 24.96 12.02 -13.86
C ILE A 107 25.96 10.88 -14.04
N ASP A 108 26.77 10.94 -15.11
CA ASP A 108 27.77 9.88 -15.37
C ASP A 108 28.80 9.87 -14.24
N GLU A 109 29.27 11.04 -13.86
CA GLU A 109 30.25 11.14 -12.79
C GLU A 109 29.68 10.62 -11.48
N HIS A 110 28.44 11.02 -11.20
CA HIS A 110 27.76 10.60 -9.98
C HIS A 110 27.62 9.08 -9.97
N MET A 111 27.18 8.52 -11.09
CA MET A 111 27.02 7.08 -11.19
C MET A 111 28.35 6.37 -11.03
N ARG A 112 29.43 7.00 -11.50
CA ARG A 112 30.73 6.38 -11.36
C ARG A 112 31.08 6.21 -9.87
N VAL A 113 30.85 7.24 -9.06
CA VAL A 113 31.20 7.12 -7.65
C VAL A 113 30.41 6.01 -6.96
N MET A 114 29.11 5.94 -7.24
CA MET A 114 28.27 4.92 -6.63
C MET A 114 28.55 3.49 -7.09
N SER A 115 29.09 3.33 -8.30
CA SER A 115 29.42 2.01 -8.81
C SER A 115 30.82 1.63 -8.34
N GLU A 116 31.47 2.57 -7.66
CA GLU A 116 32.82 2.36 -7.16
C GLU A 116 32.78 1.85 -5.73
N LYS A 117 32.19 2.63 -4.83
CA LYS A 117 32.09 2.26 -3.42
C LYS A 117 31.33 0.95 -3.22
N LYS A 118 30.17 0.83 -3.86
CA LYS A 118 29.39 -0.40 -3.76
C LYS A 118 29.76 -1.24 -4.98
N HIS A 119 31.01 -1.72 -4.97
CA HIS A 119 31.56 -2.53 -6.04
C HIS A 119 30.74 -3.80 -6.30
N GLY A 120 30.70 -4.23 -7.56
CA GLY A 120 29.95 -5.42 -7.90
C GLY A 120 29.97 -5.73 -9.38
N ALA A 121 29.28 -6.81 -9.76
CA ALA A 121 29.20 -7.22 -11.15
C ALA A 121 28.05 -6.51 -11.86
N ASP A 122 28.00 -5.20 -11.71
CA ASP A 122 26.97 -4.38 -12.34
C ASP A 122 27.61 -3.36 -13.27
N ARG A 123 28.47 -3.85 -14.16
CA ARG A 123 29.16 -3.01 -15.13
C ARG A 123 28.25 -2.67 -16.32
N SER A 124 27.07 -2.17 -16.01
CA SER A 124 26.11 -1.83 -17.06
C SER A 124 26.33 -0.44 -17.66
N GLY A 125 25.59 -0.19 -18.73
CA GLY A 125 25.63 1.07 -19.42
C GLY A 125 24.28 1.24 -20.07
N SER A 126 24.03 2.45 -20.58
CA SER A 126 22.78 2.72 -21.26
C SER A 126 22.93 3.87 -22.23
N THR A 127 22.36 3.73 -23.41
CA THR A 127 22.37 4.83 -24.35
C THR A 127 21.15 5.66 -23.97
N ALA A 128 20.95 6.78 -24.64
CA ALA A 128 19.79 7.63 -24.35
C ALA A 128 19.38 8.41 -25.57
N VAL A 129 18.08 8.50 -25.81
CA VAL A 129 17.61 9.36 -26.87
C VAL A 129 16.39 10.05 -26.30
N GLY A 130 16.22 11.33 -26.59
CA GLY A 130 15.06 12.00 -26.06
C GLY A 130 14.81 13.38 -26.59
N VAL A 131 13.74 14.01 -26.11
CA VAL A 131 13.43 15.36 -26.50
C VAL A 131 12.98 16.15 -25.31
N LEU A 132 13.56 17.33 -25.16
CA LEU A 132 13.17 18.27 -24.13
C LEU A 132 12.36 19.30 -24.95
N ILE A 133 11.07 19.42 -24.68
CA ILE A 133 10.23 20.36 -25.41
C ILE A 133 9.87 21.61 -24.60
N SER A 134 10.16 22.81 -25.13
CA SER A 134 9.82 24.06 -24.46
C SER A 134 8.69 24.72 -25.27
N PRO A 135 8.14 25.86 -24.81
CA PRO A 135 7.07 26.47 -25.60
C PRO A 135 7.51 26.86 -27.01
N GLN A 136 8.80 27.15 -27.16
CA GLN A 136 9.33 27.59 -28.44
C GLN A 136 10.25 26.63 -29.19
N HIS A 137 10.81 25.64 -28.49
CA HIS A 137 11.75 24.73 -29.14
C HIS A 137 11.61 23.26 -28.74
N THR A 138 12.04 22.40 -29.65
CA THR A 138 12.11 20.98 -29.42
C THR A 138 13.62 20.73 -29.46
N TYR A 139 14.16 20.17 -28.37
CA TYR A 139 15.58 19.86 -28.28
C TYR A 139 15.79 18.34 -28.38
N PHE A 140 16.26 17.87 -29.53
CA PHE A 140 16.57 16.46 -29.71
C PHE A 140 17.88 16.16 -29.01
N ILE A 141 17.89 15.09 -28.24
CA ILE A 141 19.06 14.68 -27.47
C ILE A 141 19.41 13.25 -27.83
N ASN A 142 20.65 13.02 -28.25
CA ASN A 142 21.08 11.67 -28.59
C ASN A 142 22.43 11.29 -28.03
N CYS A 143 22.49 10.10 -27.47
CA CYS A 143 23.72 9.56 -26.91
C CYS A 143 23.66 8.04 -27.13
N GLY A 144 24.06 7.58 -28.30
CA GLY A 144 24.02 6.15 -28.58
C GLY A 144 23.37 5.83 -29.91
N GLU A 145 22.73 4.68 -29.97
CA GLU A 145 22.13 4.22 -31.21
C GLU A 145 20.63 4.15 -31.26
N SER A 146 19.94 4.70 -30.26
CA SER A 146 18.51 4.77 -30.38
C SER A 146 18.39 5.99 -31.32
N ARG A 147 17.18 6.36 -31.70
CA ARG A 147 17.02 7.48 -32.60
C ARG A 147 15.68 8.16 -32.38
N GLY A 148 15.68 9.48 -32.54
CA GLY A 148 14.47 10.27 -32.43
C GLY A 148 14.19 10.84 -33.82
N LEU A 149 12.91 10.98 -34.16
CA LEU A 149 12.48 11.49 -35.46
C LEU A 149 11.30 12.45 -35.34
N LEU A 150 11.35 13.54 -36.10
CA LEU A 150 10.26 14.52 -36.10
C LEU A 150 9.59 14.53 -37.44
N CYS A 151 8.25 14.47 -37.44
CA CYS A 151 7.45 14.54 -38.66
C CYS A 151 6.80 15.91 -38.65
N ARG A 152 7.00 16.64 -39.73
CA ARG A 152 6.45 17.99 -39.90
C ARG A 152 5.94 18.03 -41.34
N ASN A 153 4.76 18.61 -41.52
CA ASN A 153 4.13 18.74 -42.83
C ASN A 153 4.12 17.43 -43.61
N ARG A 154 3.68 16.36 -42.94
CA ARG A 154 3.57 15.03 -43.55
C ARG A 154 4.90 14.39 -43.97
N LYS A 155 6.00 15.01 -43.57
CA LYS A 155 7.31 14.50 -43.97
C LYS A 155 8.28 14.30 -42.83
N VAL A 156 9.33 13.53 -43.11
CA VAL A 156 10.39 13.35 -42.14
C VAL A 156 11.12 14.69 -42.17
N HIS A 157 11.16 15.39 -41.03
CA HIS A 157 11.82 16.69 -40.97
C HIS A 157 13.20 16.64 -40.35
N PHE A 158 13.40 15.76 -39.39
CA PHE A 158 14.70 15.61 -38.77
C PHE A 158 14.73 14.28 -38.05
N PHE A 159 15.92 13.73 -37.87
CA PHE A 159 16.13 12.53 -37.10
C PHE A 159 17.58 12.58 -36.65
N THR A 160 17.84 12.06 -35.45
CA THR A 160 19.16 12.05 -34.86
C THR A 160 20.16 11.15 -35.58
N GLN A 161 21.44 11.44 -35.36
CA GLN A 161 22.53 10.69 -35.97
C GLN A 161 23.01 9.61 -34.98
N ASP A 162 22.82 8.34 -35.32
CA ASP A 162 23.23 7.25 -34.44
C ASP A 162 24.73 7.35 -34.20
N HIS A 163 25.14 7.01 -32.98
CA HIS A 163 26.54 7.01 -32.64
C HIS A 163 27.12 5.61 -32.84
N LYS A 164 27.74 5.39 -33.99
CA LYS A 164 28.35 4.09 -34.27
C LYS A 164 29.88 4.18 -34.13
N PRO A 165 30.50 3.11 -33.58
CA PRO A 165 31.95 3.05 -33.38
C PRO A 165 32.74 3.36 -34.65
N SER A 166 32.23 2.91 -35.79
CA SER A 166 32.88 3.12 -37.07
C SER A 166 32.67 4.50 -37.74
N ASN A 167 31.77 5.33 -37.21
CA ASN A 167 31.57 6.67 -37.77
C ASN A 167 32.91 7.35 -37.54
N PRO A 168 33.32 8.24 -38.45
CA PRO A 168 34.62 8.94 -38.32
C PRO A 168 34.97 9.62 -36.99
N LEU A 169 34.07 10.44 -36.45
CA LEU A 169 34.34 11.13 -35.20
C LEU A 169 34.52 10.15 -34.02
N GLU A 170 33.77 9.05 -34.04
CA GLU A 170 33.84 8.04 -32.98
C GLU A 170 35.14 7.25 -33.04
N LYS A 171 35.45 6.73 -34.23
CA LYS A 171 36.66 5.95 -34.49
C LYS A 171 37.85 6.81 -34.11
N GLU A 172 37.83 8.10 -34.47
CA GLU A 172 38.89 9.03 -34.11
C GLU A 172 39.11 9.09 -32.57
N ARG A 173 38.03 9.32 -31.82
CA ARG A 173 38.13 9.38 -30.35
C ARG A 173 38.65 8.04 -29.78
N ILE A 174 38.09 6.95 -30.27
CA ILE A 174 38.47 5.61 -29.84
C ILE A 174 39.97 5.33 -30.07
N GLN A 175 40.47 5.69 -31.24
CA GLN A 175 41.88 5.48 -31.53
C GLN A 175 42.78 6.44 -30.73
N ASN A 176 42.34 7.68 -30.53
CA ASN A 176 43.11 8.63 -29.73
C ASN A 176 43.18 8.14 -28.29
N ALA A 177 42.15 7.43 -27.85
CA ALA A 177 42.12 6.88 -26.50
C ALA A 177 42.87 5.54 -26.39
N GLY A 178 43.59 5.17 -27.45
CA GLY A 178 44.34 3.92 -27.42
C GLY A 178 43.54 2.66 -27.72
N GLY A 179 42.26 2.79 -28.10
CA GLY A 179 41.47 1.61 -28.41
C GLY A 179 41.44 1.37 -29.90
N SER A 180 40.52 0.54 -30.35
CA SER A 180 40.41 0.27 -31.77
C SER A 180 39.01 -0.17 -32.06
N VAL A 181 38.62 -0.17 -33.31
CA VAL A 181 37.28 -0.64 -33.65
C VAL A 181 37.57 -1.94 -34.38
N MET A 182 37.14 -3.05 -33.82
CA MET A 182 37.34 -4.37 -34.45
C MET A 182 35.95 -4.97 -34.57
N ILE A 183 35.68 -5.65 -35.68
CA ILE A 183 34.35 -6.24 -35.96
C ILE A 183 33.22 -5.28 -35.52
N GLN A 184 33.39 -4.02 -35.87
CA GLN A 184 32.44 -2.93 -35.59
C GLN A 184 32.16 -2.63 -34.13
N ARG A 185 33.01 -3.14 -33.23
CA ARG A 185 32.85 -2.91 -31.80
C ARG A 185 34.09 -2.25 -31.20
N VAL A 186 33.87 -1.46 -30.15
CA VAL A 186 34.94 -0.78 -29.41
C VAL A 186 35.77 -1.89 -28.75
N ASN A 187 37.04 -1.95 -29.12
CA ASN A 187 37.97 -2.98 -28.63
C ASN A 187 37.43 -4.40 -28.87
N GLY A 188 36.63 -4.52 -29.93
CA GLY A 188 36.08 -5.82 -30.28
C GLY A 188 34.92 -6.35 -29.44
N SER A 189 34.53 -5.65 -28.38
CA SER A 189 33.41 -6.10 -27.54
C SER A 189 32.14 -5.26 -27.63
N LEU A 190 32.15 -4.11 -26.97
CA LEU A 190 30.97 -3.24 -26.93
C LEU A 190 30.59 -2.62 -28.26
N ALA A 191 29.37 -2.88 -28.73
CA ALA A 191 28.92 -2.32 -30.00
C ALA A 191 28.29 -0.95 -29.82
N VAL A 192 28.67 -0.27 -28.73
CA VAL A 192 28.13 1.05 -28.42
C VAL A 192 29.28 2.04 -28.37
N SER A 193 29.16 3.23 -28.97
CA SER A 193 30.28 4.17 -28.82
C SER A 193 29.99 5.35 -27.86
N ARG A 194 28.72 5.63 -27.59
CA ARG A 194 28.37 6.70 -26.64
C ARG A 194 27.33 6.14 -25.69
N ALA A 195 27.51 6.40 -24.39
CA ALA A 195 26.62 5.88 -23.37
C ALA A 195 27.03 6.36 -21.99
N LEU A 196 26.08 6.26 -21.08
CA LEU A 196 26.31 6.58 -19.69
C LEU A 196 26.69 5.21 -19.15
N GLY A 197 27.49 5.16 -18.09
CA GLY A 197 27.90 3.87 -17.57
C GLY A 197 29.08 3.32 -18.36
N ASP A 198 29.19 2.00 -18.44
CA ASP A 198 30.32 1.35 -19.12
C ASP A 198 31.64 1.94 -18.64
N PHE A 199 31.77 2.10 -17.32
CA PHE A 199 32.99 2.67 -16.75
C PHE A 199 34.30 1.97 -17.07
N ASP A 200 34.25 0.69 -17.42
CA ASP A 200 35.51 0.00 -17.82
C ASP A 200 36.09 0.65 -19.10
N TYR A 201 35.22 1.29 -19.88
CA TYR A 201 35.63 1.97 -21.11
C TYR A 201 35.93 3.44 -20.88
N LYS A 202 36.00 3.83 -19.60
CA LYS A 202 36.25 5.23 -19.25
C LYS A 202 37.37 5.42 -18.24
N CYS A 203 38.40 4.58 -18.35
CA CYS A 203 39.53 4.67 -17.45
C CYS A 203 40.82 5.01 -18.18
N VAL A 204 40.71 5.74 -19.28
CA VAL A 204 41.91 6.10 -20.04
C VAL A 204 42.60 7.31 -19.44
N HIS A 205 43.82 7.09 -18.98
CA HIS A 205 44.60 8.16 -18.36
C HIS A 205 45.04 9.19 -19.39
N GLY A 206 44.97 10.46 -18.98
CA GLY A 206 45.37 11.53 -19.86
C GLY A 206 44.28 12.00 -20.81
N LYS A 207 43.09 11.44 -20.66
CA LYS A 207 41.97 11.83 -21.51
C LYS A 207 40.79 12.28 -20.68
N GLY A 208 40.21 13.41 -21.07
CA GLY A 208 39.04 13.94 -20.39
C GLY A 208 37.83 13.01 -20.55
N PRO A 209 36.72 13.31 -19.85
CA PRO A 209 35.50 12.50 -19.90
C PRO A 209 34.88 12.33 -21.29
N THR A 210 35.01 13.33 -22.16
CA THR A 210 34.45 13.22 -23.50
C THR A 210 35.47 12.69 -24.51
N GLU A 211 36.60 12.21 -23.99
CA GLU A 211 37.67 11.69 -24.83
C GLU A 211 37.96 10.21 -24.53
N GLN A 212 37.15 9.60 -23.69
CA GLN A 212 37.33 8.19 -23.32
C GLN A 212 36.97 7.27 -24.48
N LEU A 213 37.13 5.96 -24.30
CA LEU A 213 36.79 5.00 -25.35
C LEU A 213 35.27 5.10 -25.67
N VAL A 214 34.45 5.17 -24.62
CA VAL A 214 33.00 5.32 -24.77
C VAL A 214 32.76 6.71 -24.22
N SER A 215 31.95 7.52 -24.88
CA SER A 215 31.67 8.88 -24.44
C SER A 215 30.26 9.12 -23.90
N PRO A 216 30.13 9.90 -22.81
CA PRO A 216 28.80 10.19 -22.25
C PRO A 216 28.22 11.49 -22.81
N GLU A 217 28.95 12.10 -23.71
CA GLU A 217 28.56 13.37 -24.30
C GLU A 217 27.41 13.23 -25.30
N PRO A 218 26.30 13.98 -25.08
CA PRO A 218 25.16 13.89 -25.99
C PRO A 218 25.25 14.91 -27.13
N GLU A 219 24.50 14.63 -28.18
CA GLU A 219 24.43 15.50 -29.34
C GLU A 219 23.08 16.17 -29.13
N VAL A 220 23.05 17.49 -29.14
CA VAL A 220 21.82 18.22 -28.90
C VAL A 220 21.47 19.11 -30.11
N HIS A 221 20.27 18.91 -30.66
CA HIS A 221 19.85 19.69 -31.81
C HIS A 221 18.53 20.40 -31.53
N ASP A 222 18.60 21.73 -31.50
CA ASP A 222 17.44 22.57 -31.23
C ASP A 222 16.64 22.82 -32.50
N ILE A 223 15.34 22.71 -32.40
CA ILE A 223 14.46 22.95 -33.53
C ILE A 223 13.36 23.93 -33.08
N GLU A 224 13.27 25.10 -33.73
CA GLU A 224 12.22 26.06 -33.40
C GLU A 224 10.94 25.38 -33.79
N ARG A 225 9.96 25.43 -32.90
CA ARG A 225 8.68 24.78 -33.12
C ARG A 225 7.79 25.49 -34.13
N SER A 226 6.92 24.73 -34.76
CA SER A 226 6.01 25.26 -35.75
C SER A 226 4.63 24.78 -35.30
N GLU A 227 3.87 25.68 -34.69
CA GLU A 227 2.54 25.34 -34.21
C GLU A 227 1.67 24.73 -35.31
N GLU A 228 1.84 25.23 -36.52
CA GLU A 228 1.05 24.75 -37.64
C GLU A 228 1.47 23.43 -38.28
N ASP A 229 2.77 23.20 -38.40
CA ASP A 229 3.23 22.01 -39.09
C ASP A 229 3.80 20.86 -38.30
N ASP A 230 4.21 21.11 -37.05
CA ASP A 230 4.75 20.01 -36.26
C ASP A 230 3.63 19.00 -36.05
N GLN A 231 3.90 17.74 -36.38
CA GLN A 231 2.86 16.75 -36.20
C GLN A 231 3.19 15.79 -35.08
N PHE A 232 4.33 15.13 -35.15
CA PHE A 232 4.70 14.20 -34.09
C PHE A 232 6.18 13.89 -34.05
N ILE A 233 6.56 13.23 -32.95
CA ILE A 233 7.93 12.82 -32.71
C ILE A 233 7.90 11.34 -32.28
N ILE A 234 8.82 10.55 -32.82
CA ILE A 234 8.93 9.15 -32.44
C ILE A 234 10.31 8.97 -31.78
N LEU A 235 10.34 8.37 -30.59
CA LEU A 235 11.62 8.05 -29.92
C LEU A 235 11.60 6.51 -29.84
N ALA A 236 12.67 5.87 -30.24
CA ALA A 236 12.69 4.41 -30.19
C ALA A 236 14.11 3.91 -30.20
N CYS A 237 14.32 2.76 -29.58
CA CYS A 237 15.65 2.16 -29.51
C CYS A 237 15.93 1.44 -30.83
N ASP A 238 17.17 1.01 -31.05
CA ASP A 238 17.52 0.31 -32.29
C ASP A 238 16.75 -1.02 -32.51
N GLY A 239 16.07 -1.53 -31.48
CA GLY A 239 15.27 -2.72 -31.70
C GLY A 239 14.17 -2.40 -32.73
N ILE A 240 13.80 -1.14 -32.83
CA ILE A 240 12.81 -0.72 -33.80
C ILE A 240 13.51 -0.31 -35.13
N TRP A 241 14.46 0.60 -35.05
CA TRP A 241 15.18 1.12 -36.24
C TRP A 241 16.01 0.10 -37.01
N ASP A 242 16.41 -0.99 -36.35
CA ASP A 242 17.21 -1.98 -37.05
C ASP A 242 16.39 -2.67 -38.13
N VAL A 243 15.08 -2.56 -38.03
CA VAL A 243 14.23 -3.28 -38.96
C VAL A 243 13.20 -2.41 -39.70
N MET A 244 13.17 -1.12 -39.38
CA MET A 244 12.27 -0.19 -40.05
C MET A 244 12.99 1.12 -40.34
N GLY A 245 12.86 1.61 -41.57
CA GLY A 245 13.49 2.86 -41.96
C GLY A 245 12.77 4.11 -41.47
N ASN A 246 13.45 5.25 -41.53
CA ASN A 246 12.88 6.53 -41.08
C ASN A 246 11.59 6.88 -41.83
N GLU A 247 11.70 6.89 -43.16
CA GLU A 247 10.57 7.20 -44.04
C GLU A 247 9.42 6.18 -43.86
N GLU A 248 9.78 4.91 -43.74
CA GLU A 248 8.81 3.84 -43.57
C GLU A 248 8.04 3.98 -42.24
N LEU A 249 8.76 4.14 -41.13
CA LEU A 249 8.13 4.29 -39.82
C LEU A 249 7.29 5.56 -39.77
N CYS A 250 7.82 6.63 -40.31
CA CYS A 250 7.10 7.90 -40.32
C CYS A 250 5.79 7.74 -41.08
N ASP A 251 5.86 7.15 -42.27
CA ASP A 251 4.64 6.93 -43.07
C ASP A 251 3.65 6.02 -42.33
N PHE A 252 4.17 4.95 -41.70
CA PHE A 252 3.35 3.99 -40.94
C PHE A 252 2.58 4.69 -39.81
N VAL A 253 3.29 5.47 -39.01
CA VAL A 253 2.63 6.18 -37.91
C VAL A 253 1.68 7.25 -38.41
N ARG A 254 2.10 8.02 -39.40
CA ARG A 254 1.22 9.06 -39.94
C ARG A 254 -0.07 8.40 -40.43
N SER A 255 0.04 7.26 -41.09
CA SER A 255 -1.14 6.54 -41.58
C SER A 255 -2.03 6.04 -40.44
N ARG A 256 -1.43 5.46 -39.40
CA ARG A 256 -2.20 4.95 -38.27
C ARG A 256 -2.92 6.05 -37.48
N LEU A 257 -2.35 7.26 -37.44
CA LEU A 257 -2.96 8.38 -36.74
C LEU A 257 -4.18 8.94 -37.47
N GLU A 258 -4.49 8.35 -38.63
CA GLU A 258 -5.67 8.77 -39.40
C GLU A 258 -6.79 7.78 -39.07
N VAL A 259 -6.42 6.65 -38.47
CA VAL A 259 -7.38 5.62 -38.11
C VAL A 259 -7.70 5.66 -36.63
N THR A 260 -6.71 5.98 -35.81
CA THR A 260 -6.93 6.03 -34.38
C THR A 260 -6.23 7.16 -33.64
N ASP A 261 -6.76 7.53 -32.48
CA ASP A 261 -6.13 8.56 -31.65
C ASP A 261 -5.57 7.88 -30.40
N ASP A 262 -5.54 6.55 -30.44
CA ASP A 262 -5.02 5.75 -29.32
C ASP A 262 -3.51 5.58 -29.55
N LEU A 263 -2.72 6.42 -28.87
CA LEU A 263 -1.29 6.40 -29.04
C LEU A 263 -0.58 5.17 -28.53
N GLU A 264 -1.13 4.54 -27.48
CA GLU A 264 -0.55 3.31 -26.93
C GLU A 264 -0.69 2.23 -28.00
N LYS A 265 -1.88 2.17 -28.60
CA LYS A 265 -2.20 1.21 -29.65
C LYS A 265 -1.22 1.39 -30.84
N VAL A 266 -1.03 2.63 -31.26
CA VAL A 266 -0.13 2.91 -32.38
C VAL A 266 1.28 2.44 -31.98
N CYS A 267 1.70 2.70 -30.74
CA CYS A 267 3.01 2.24 -30.31
C CYS A 267 3.10 0.70 -30.32
N ASN A 268 2.01 0.04 -29.91
CA ASN A 268 1.94 -1.43 -29.90
C ASN A 268 2.05 -1.96 -31.33
N GLU A 269 1.38 -1.27 -32.26
CA GLU A 269 1.43 -1.65 -33.67
C GLU A 269 2.86 -1.53 -34.21
N VAL A 270 3.58 -0.48 -33.80
CA VAL A 270 4.96 -0.30 -34.26
C VAL A 270 5.80 -1.47 -33.74
N VAL A 271 5.73 -1.71 -32.43
CA VAL A 271 6.49 -2.78 -31.80
C VAL A 271 6.19 -4.15 -32.44
N ASP A 272 4.92 -4.49 -32.57
CA ASP A 272 4.54 -5.76 -33.15
C ASP A 272 5.02 -5.93 -34.59
N THR A 273 4.94 -4.86 -35.37
CA THR A 273 5.40 -4.90 -36.76
C THR A 273 6.89 -5.24 -36.81
N CYS A 274 7.67 -4.58 -35.96
CA CYS A 274 9.11 -4.84 -35.90
C CYS A 274 9.42 -6.27 -35.44
N LEU A 275 8.61 -6.76 -34.50
CA LEU A 275 8.76 -8.11 -34.02
C LEU A 275 8.45 -9.08 -35.19
N TYR A 276 7.36 -8.81 -35.93
CA TYR A 276 7.00 -9.70 -37.03
C TYR A 276 8.00 -9.59 -38.19
N LYS A 277 8.71 -8.47 -38.28
CA LYS A 277 9.73 -8.32 -39.30
C LYS A 277 10.99 -9.09 -38.89
N GLY A 278 11.04 -9.59 -37.66
CA GLY A 278 12.20 -10.35 -37.23
C GLY A 278 13.12 -9.71 -36.21
N SER A 279 12.75 -8.54 -35.67
CA SER A 279 13.63 -7.92 -34.66
C SER A 279 13.68 -8.84 -33.42
N ARG A 280 14.89 -9.20 -33.00
CA ARG A 280 15.07 -10.09 -31.85
C ARG A 280 15.54 -9.34 -30.60
N ASP A 281 15.32 -8.04 -30.56
CA ASP A 281 15.79 -7.23 -29.44
C ASP A 281 14.66 -6.66 -28.55
N ASN A 282 15.02 -6.02 -27.45
CA ASN A 282 14.06 -5.35 -26.59
C ASN A 282 13.62 -4.20 -27.50
N MET A 283 12.42 -3.69 -27.25
CA MET A 283 11.86 -2.58 -28.04
C MET A 283 11.07 -1.62 -27.14
N SER A 284 11.34 -0.34 -27.32
CA SER A 284 10.66 0.71 -26.57
C SER A 284 10.40 1.84 -27.56
N VAL A 285 9.18 2.35 -27.56
CA VAL A 285 8.80 3.43 -28.45
C VAL A 285 7.91 4.41 -27.70
N ILE A 286 8.19 5.70 -27.88
CA ILE A 286 7.35 6.75 -27.33
C ILE A 286 6.90 7.60 -28.53
N LEU A 287 5.61 7.92 -28.56
CA LEU A 287 5.03 8.71 -29.62
C LEU A 287 4.42 9.97 -28.98
N ILE A 288 4.92 11.14 -29.37
CA ILE A 288 4.44 12.40 -28.85
C ILE A 288 3.80 13.16 -30.02
N CYS A 289 2.49 13.40 -29.92
CA CYS A 289 1.74 14.12 -30.93
C CYS A 289 1.53 15.56 -30.53
N PHE A 290 1.70 16.45 -31.52
CA PHE A 290 1.51 17.90 -31.37
C PHE A 290 0.07 18.17 -31.79
N PRO A 291 -0.48 19.33 -31.40
CA PRO A 291 -1.86 19.73 -31.73
C PRO A 291 -2.29 19.48 -33.17
N ASN A 292 -1.39 19.73 -34.12
CA ASN A 292 -1.75 19.53 -35.51
C ASN A 292 -1.22 18.22 -36.10
N ALA A 293 -1.23 17.16 -35.29
CA ALA A 293 -0.82 15.84 -35.77
C ALA A 293 -1.97 15.32 -36.66
N PRO A 294 -1.72 14.24 -37.43
CA PRO A 294 -2.82 13.73 -38.26
C PRO A 294 -3.98 13.41 -37.31
N LYS A 295 -5.20 13.75 -37.70
CA LYS A 295 -6.34 13.50 -36.83
C LYS A 295 -7.27 12.42 -37.37
N VAL A 296 -7.87 11.67 -36.45
CA VAL A 296 -8.78 10.58 -36.80
C VAL A 296 -10.19 11.10 -37.14
N GLY B 1 -2.32 27.11 1.13
CA GLY B 1 -2.22 26.87 -0.30
C GLY B 1 -2.37 25.41 -0.63
N ALA B 2 -3.43 24.79 -0.14
CA ALA B 2 -3.67 23.38 -0.43
C ALA B 2 -4.33 23.20 -1.80
N PHE B 3 -5.31 24.05 -2.10
CA PHE B 3 -6.08 23.93 -3.33
C PHE B 3 -5.84 24.97 -4.40
N LEU B 4 -6.19 24.61 -5.63
CA LEU B 4 -6.08 25.48 -6.79
C LEU B 4 -7.44 26.08 -7.02
N ASP B 5 -7.53 27.05 -7.92
CA ASP B 5 -8.80 27.67 -8.23
C ASP B 5 -9.56 26.82 -9.22
N LYS B 6 -8.83 26.00 -9.98
CA LYS B 6 -9.40 25.10 -11.00
C LYS B 6 -8.68 23.76 -10.90
N PRO B 7 -9.43 22.63 -11.00
CA PRO B 7 -8.86 21.27 -10.93
C PRO B 7 -7.99 20.92 -12.14
N LYS B 8 -6.83 20.31 -11.91
CA LYS B 8 -5.94 19.89 -12.98
C LYS B 8 -6.50 18.51 -13.37
N MET B 9 -7.12 18.43 -14.55
CA MET B 9 -7.76 17.21 -15.03
C MET B 9 -6.93 16.22 -15.87
N GLU B 10 -5.74 16.61 -16.33
CA GLU B 10 -4.97 15.66 -17.13
C GLU B 10 -4.67 14.36 -16.38
N LYS B 11 -4.86 13.25 -17.07
CA LYS B 11 -4.63 11.96 -16.49
C LYS B 11 -3.44 11.23 -17.07
N HIS B 12 -2.69 10.61 -16.18
CA HIS B 12 -1.59 9.78 -16.62
C HIS B 12 -2.19 8.38 -16.51
N ASN B 13 -1.99 7.55 -17.53
CA ASN B 13 -2.51 6.17 -17.51
C ASN B 13 -1.38 5.25 -17.86
N ALA B 14 -1.57 3.98 -17.52
CA ALA B 14 -0.64 2.92 -17.83
C ALA B 14 -1.41 1.61 -17.71
N GLN B 15 -0.94 0.59 -18.41
CA GLN B 15 -1.55 -0.73 -18.39
C GLN B 15 -0.51 -1.80 -18.78
N GLY B 16 -0.86 -3.06 -18.51
CA GLY B 16 0.01 -4.17 -18.84
C GLY B 16 -0.70 -5.47 -18.54
N GLN B 17 0.00 -6.58 -18.79
CA GLN B 17 -0.55 -7.90 -18.56
C GLN B 17 0.58 -8.94 -18.51
N GLY B 18 0.26 -10.12 -18.02
CA GLY B 18 1.24 -11.19 -17.90
C GLY B 18 0.87 -11.98 -16.67
N ASN B 19 1.36 -13.20 -16.58
CA ASN B 19 1.07 -14.07 -15.43
C ASN B 19 -0.43 -14.18 -15.16
N GLY B 20 -1.22 -14.17 -16.25
CA GLY B 20 -2.67 -14.27 -16.16
C GLY B 20 -3.42 -13.04 -15.64
N LEU B 21 -2.70 -11.95 -15.44
CA LEU B 21 -3.29 -10.72 -14.94
C LEU B 21 -3.28 -9.63 -15.98
N ARG B 22 -4.12 -8.62 -15.78
CA ARG B 22 -4.18 -7.44 -16.65
C ARG B 22 -4.38 -6.27 -15.69
N TYR B 23 -3.76 -5.14 -15.98
CA TYR B 23 -3.97 -3.99 -15.13
C TYR B 23 -4.09 -2.71 -15.94
N GLY B 24 -4.67 -1.71 -15.31
CA GLY B 24 -4.82 -0.40 -15.88
C GLY B 24 -4.66 0.53 -14.69
N LEU B 25 -4.26 1.77 -14.93
CA LEU B 25 -4.15 2.72 -13.82
C LEU B 25 -4.38 4.14 -14.28
N SER B 26 -4.82 4.99 -13.36
CA SER B 26 -5.05 6.41 -13.61
C SER B 26 -4.64 7.23 -12.38
N SER B 27 -3.92 8.32 -12.64
CA SER B 27 -3.53 9.21 -11.57
C SER B 27 -3.81 10.62 -12.08
N MET B 28 -4.26 11.50 -11.20
CA MET B 28 -4.60 12.85 -11.59
C MET B 28 -4.39 13.78 -10.41
N GLN B 29 -3.85 14.96 -10.70
CA GLN B 29 -3.58 15.97 -9.68
C GLN B 29 -4.86 16.55 -9.05
N GLY B 30 -5.87 16.81 -9.88
CA GLY B 30 -7.11 17.36 -9.37
C GLY B 30 -7.00 18.77 -8.79
N TRP B 31 -7.68 19.00 -7.68
CA TRP B 31 -7.71 20.30 -7.04
C TRP B 31 -6.50 20.73 -6.21
N ARG B 32 -5.58 19.79 -5.93
CA ARG B 32 -4.40 20.11 -5.12
C ARG B 32 -3.38 20.92 -5.89
N VAL B 33 -2.60 21.73 -5.17
CA VAL B 33 -1.59 22.57 -5.79
C VAL B 33 -0.43 21.74 -6.32
N GLU B 34 -0.19 20.59 -5.72
CA GLU B 34 0.89 19.72 -6.17
C GLU B 34 0.35 18.32 -6.41
N MET B 35 1.15 17.50 -7.10
CA MET B 35 0.82 16.10 -7.35
C MET B 35 1.91 15.35 -6.59
N GLU B 36 1.53 14.66 -5.53
CA GLU B 36 2.52 13.97 -4.73
C GLU B 36 2.33 12.46 -4.64
N ASP B 37 1.44 11.94 -5.49
CA ASP B 37 1.20 10.50 -5.57
C ASP B 37 2.26 9.88 -6.48
N ALA B 38 2.61 8.63 -6.18
CA ALA B 38 3.54 7.88 -6.99
C ALA B 38 2.95 6.47 -7.01
N HIS B 39 3.41 5.64 -7.92
CA HIS B 39 2.88 4.29 -7.99
C HIS B 39 3.88 3.32 -8.60
N THR B 40 3.62 2.03 -8.41
CA THR B 40 4.44 0.96 -8.97
C THR B 40 3.50 -0.11 -9.53
N ALA B 41 3.80 -0.58 -10.72
CA ALA B 41 3.01 -1.62 -11.38
C ALA B 41 3.99 -2.44 -12.21
N VAL B 42 4.30 -3.64 -11.73
CA VAL B 42 5.23 -4.50 -12.44
C VAL B 42 4.77 -5.96 -12.35
N ILE B 43 4.75 -6.60 -13.52
CA ILE B 43 4.33 -7.99 -13.67
C ILE B 43 5.60 -8.68 -14.09
N GLY B 44 6.09 -9.59 -13.25
CA GLY B 44 7.32 -10.29 -13.54
C GLY B 44 8.40 -9.48 -12.85
N LEU B 45 8.64 -9.78 -11.59
CA LEU B 45 9.63 -9.06 -10.82
C LEU B 45 11.05 -9.47 -11.22
N PRO B 46 12.05 -8.63 -10.88
CA PRO B 46 13.47 -8.83 -11.18
C PRO B 46 14.18 -10.12 -10.74
N SER B 47 14.72 -10.15 -9.52
CA SER B 47 15.48 -11.30 -9.05
C SER B 47 14.86 -12.71 -9.04
N GLY B 48 14.57 -13.23 -10.24
CA GLY B 48 13.98 -14.55 -10.36
C GLY B 48 12.58 -14.65 -9.79
N LEU B 49 11.82 -13.57 -9.87
CA LEU B 49 10.44 -13.61 -9.38
C LEU B 49 9.53 -13.26 -10.54
N GLU B 50 9.82 -13.87 -11.69
CA GLU B 50 9.07 -13.63 -12.90
C GLU B 50 7.61 -14.05 -12.78
N SER B 51 7.32 -15.02 -11.92
CA SER B 51 5.96 -15.46 -11.75
C SER B 51 5.16 -14.59 -10.75
N TRP B 52 5.83 -13.59 -10.20
CA TRP B 52 5.22 -12.67 -9.25
C TRP B 52 4.94 -11.31 -9.89
N SER B 53 4.04 -10.55 -9.27
CA SER B 53 3.67 -9.22 -9.72
C SER B 53 3.57 -8.29 -8.51
N PHE B 54 3.74 -6.99 -8.70
CA PHE B 54 3.64 -6.07 -7.59
C PHE B 54 3.00 -4.76 -8.06
N PHE B 55 2.03 -4.28 -7.28
CA PHE B 55 1.31 -3.06 -7.58
C PHE B 55 1.21 -2.28 -6.28
N ALA B 56 1.45 -0.96 -6.34
CA ALA B 56 1.41 -0.12 -5.15
C ALA B 56 1.13 1.37 -5.47
N VAL B 57 0.40 2.02 -4.58
CA VAL B 57 0.10 3.43 -4.72
C VAL B 57 0.73 4.07 -3.50
N TYR B 58 1.50 5.14 -3.72
CA TYR B 58 2.16 5.89 -2.66
C TYR B 58 1.58 7.31 -2.57
N ASP B 59 0.85 7.59 -1.50
CA ASP B 59 0.27 8.93 -1.32
C ASP B 59 1.26 9.76 -0.53
N GLY B 60 2.03 10.57 -1.26
CA GLY B 60 3.01 11.42 -0.60
C GLY B 60 2.42 12.63 0.07
N HIS B 61 3.16 13.17 1.03
CA HIS B 61 2.75 14.40 1.74
C HIS B 61 3.98 15.20 2.18
N ALA B 62 3.81 16.51 2.28
CA ALA B 62 4.89 17.42 2.66
C ALA B 62 6.03 17.31 1.65
N GLY B 63 5.68 17.10 0.39
CA GLY B 63 6.68 16.95 -0.66
C GLY B 63 6.51 15.59 -1.30
N SER B 64 7.26 15.31 -2.37
CA SER B 64 7.11 14.04 -3.06
C SER B 64 8.36 13.17 -3.08
N GLN B 65 9.41 13.63 -2.40
CA GLN B 65 10.65 12.87 -2.42
C GLN B 65 10.55 11.47 -1.85
N VAL B 66 9.81 11.30 -0.75
CA VAL B 66 9.68 9.96 -0.16
C VAL B 66 8.77 9.06 -1.03
N ALA B 67 7.68 9.60 -1.54
CA ALA B 67 6.81 8.79 -2.38
C ALA B 67 7.60 8.30 -3.58
N LYS B 68 8.34 9.22 -4.19
CA LYS B 68 9.16 8.92 -5.35
C LYS B 68 10.17 7.82 -5.05
N TYR B 69 10.88 7.96 -3.92
CA TYR B 69 11.88 6.95 -3.58
C TYR B 69 11.27 5.55 -3.35
N CYS B 70 10.10 5.52 -2.71
CA CYS B 70 9.40 4.27 -2.46
C CYS B 70 8.99 3.58 -3.76
N CYS B 71 8.49 4.36 -4.69
CA CYS B 71 8.03 3.83 -5.95
C CYS B 71 9.17 3.23 -6.78
N GLU B 72 10.36 3.74 -6.56
CA GLU B 72 11.55 3.27 -7.27
C GLU B 72 12.36 2.20 -6.54
N HIS B 73 12.17 2.06 -5.23
CA HIS B 73 12.98 1.11 -4.48
C HIS B 73 12.33 0.21 -3.42
N LEU B 74 11.07 0.46 -3.06
CA LEU B 74 10.43 -0.36 -2.05
C LEU B 74 10.45 -1.84 -2.39
N LEU B 75 10.03 -2.17 -3.60
CA LEU B 75 9.95 -3.57 -4.03
C LEU B 75 11.26 -4.30 -3.83
N ASP B 76 12.33 -3.63 -4.19
CA ASP B 76 13.67 -4.15 -4.09
C ASP B 76 14.05 -4.36 -2.62
N HIS B 77 13.68 -3.41 -1.77
CA HIS B 77 13.95 -3.52 -0.33
C HIS B 77 13.18 -4.68 0.28
N ILE B 78 11.98 -4.92 -0.23
CA ILE B 78 11.13 -6.00 0.25
C ILE B 78 11.65 -7.37 -0.14
N THR B 79 11.95 -7.53 -1.43
CA THR B 79 12.38 -8.82 -1.95
C THR B 79 13.84 -9.20 -1.74
N ASN B 80 14.70 -8.21 -1.58
CA ASN B 80 16.12 -8.48 -1.45
C ASN B 80 16.70 -8.67 -0.06
N ASN B 81 15.95 -8.39 0.98
CA ASN B 81 16.51 -8.54 2.32
C ASN B 81 16.54 -9.99 2.77
N GLN B 82 17.20 -10.23 3.90
CA GLN B 82 17.37 -11.55 4.49
C GLN B 82 16.10 -12.26 4.92
N ASP B 83 15.11 -11.50 5.36
CA ASP B 83 13.88 -12.12 5.81
C ASP B 83 12.96 -12.67 4.74
N PHE B 84 13.00 -12.08 3.56
CA PHE B 84 12.15 -12.53 2.46
C PHE B 84 12.50 -13.96 2.02
N LYS B 85 13.78 -14.35 2.15
CA LYS B 85 14.29 -15.68 1.75
C LYS B 85 14.07 -15.91 0.26
N GLY B 86 14.36 -14.89 -0.54
CA GLY B 86 14.16 -15.00 -1.98
C GLY B 86 15.09 -15.99 -2.66
N SER B 87 16.31 -16.07 -2.15
CA SER B 87 17.35 -16.95 -2.69
C SER B 87 17.02 -18.43 -2.73
N ALA B 88 16.57 -18.98 -1.61
CA ALA B 88 16.21 -20.40 -1.57
C ALA B 88 14.98 -20.68 -2.46
N GLY B 89 14.22 -19.64 -2.77
CA GLY B 89 13.05 -19.77 -3.62
C GLY B 89 11.78 -20.23 -2.92
N ALA B 90 10.62 -19.93 -3.52
CA ALA B 90 9.31 -20.33 -2.98
C ALA B 90 9.18 -19.96 -1.49
N PRO B 91 9.39 -18.68 -1.14
CA PRO B 91 9.29 -18.28 0.26
C PRO B 91 7.92 -18.53 0.83
N SER B 92 7.88 -18.97 2.08
CA SER B 92 6.64 -19.27 2.78
C SER B 92 5.89 -17.98 3.10
N VAL B 93 4.61 -18.09 3.40
CA VAL B 93 3.77 -16.93 3.74
C VAL B 93 4.46 -16.12 4.86
N GLU B 94 4.92 -16.83 5.89
CA GLU B 94 5.61 -16.22 7.02
C GLU B 94 6.88 -15.44 6.59
N ASN B 95 7.65 -16.01 5.67
CA ASN B 95 8.84 -15.32 5.20
C ASN B 95 8.45 -14.10 4.38
N VAL B 96 7.42 -14.23 3.56
CA VAL B 96 7.00 -13.09 2.74
C VAL B 96 6.62 -11.93 3.67
N LYS B 97 5.75 -12.21 4.64
CA LYS B 97 5.29 -11.18 5.58
C LYS B 97 6.43 -10.56 6.37
N ASN B 98 7.38 -11.38 6.80
CA ASN B 98 8.52 -10.85 7.54
C ASN B 98 9.42 -10.06 6.59
N GLY B 99 9.57 -10.55 5.36
CA GLY B 99 10.38 -9.84 4.36
C GLY B 99 9.79 -8.46 4.05
N ILE B 100 8.46 -8.36 3.96
CA ILE B 100 7.78 -7.08 3.69
C ILE B 100 8.00 -6.12 4.84
N ARG B 101 7.83 -6.62 6.07
CA ARG B 101 8.03 -5.80 7.25
C ARG B 101 9.47 -5.27 7.27
N THR B 102 10.42 -6.16 7.02
CA THR B 102 11.82 -5.75 7.01
C THR B 102 12.08 -4.77 5.86
N GLY B 103 11.43 -4.97 4.72
CA GLY B 103 11.65 -4.05 3.61
C GLY B 103 11.23 -2.62 4.02
N PHE B 104 10.07 -2.51 4.67
CA PHE B 104 9.55 -1.22 5.10
C PHE B 104 10.50 -0.56 6.09
N LEU B 105 10.96 -1.32 7.08
CA LEU B 105 11.87 -0.73 8.08
C LEU B 105 13.21 -0.34 7.50
N GLU B 106 13.71 -1.14 6.56
CA GLU B 106 15.02 -0.86 5.98
C GLU B 106 15.02 0.31 5.02
N ILE B 107 14.02 0.40 4.15
CA ILE B 107 13.97 1.55 3.26
C ILE B 107 13.76 2.83 4.10
N ASP B 108 13.01 2.71 5.21
CA ASP B 108 12.78 3.88 6.06
C ASP B 108 14.09 4.38 6.65
N GLU B 109 14.93 3.45 7.09
CA GLU B 109 16.22 3.84 7.68
C GLU B 109 17.17 4.39 6.63
N HIS B 110 17.20 3.75 5.46
CA HIS B 110 18.05 4.18 4.37
C HIS B 110 17.67 5.60 3.97
N MET B 111 16.37 5.86 3.87
CA MET B 111 15.89 7.18 3.51
C MET B 111 16.24 8.21 4.56
N ARG B 112 16.23 7.79 5.82
CA ARG B 112 16.56 8.71 6.89
C ARG B 112 18.01 9.19 6.78
N VAL B 113 18.96 8.28 6.50
CA VAL B 113 20.35 8.71 6.39
C VAL B 113 20.42 9.69 5.22
N MET B 114 19.69 9.38 4.16
CA MET B 114 19.65 10.24 2.99
C MET B 114 19.03 11.59 3.36
N SER B 115 18.08 11.58 4.30
CA SER B 115 17.44 12.82 4.71
C SER B 115 18.39 13.65 5.54
N GLU B 116 19.16 12.99 6.40
CA GLU B 116 20.11 13.67 7.28
C GLU B 116 20.99 14.59 6.45
N LYS B 117 21.48 14.06 5.33
CA LYS B 117 22.35 14.81 4.41
C LYS B 117 21.71 16.05 3.79
N LYS B 118 20.41 15.98 3.50
CA LYS B 118 19.68 17.13 2.93
C LYS B 118 19.32 18.08 4.07
N HIS B 119 19.71 17.68 5.27
CA HIS B 119 19.47 18.44 6.49
C HIS B 119 17.97 18.65 6.75
N GLY B 120 17.45 19.83 6.43
CA GLY B 120 16.04 20.08 6.64
C GLY B 120 15.28 20.31 5.35
N ALA B 121 16.00 20.31 4.23
CA ALA B 121 15.39 20.55 2.92
C ALA B 121 14.10 19.77 2.67
N ASP B 122 14.17 18.46 2.88
CA ASP B 122 13.02 17.59 2.66
C ASP B 122 12.43 17.10 3.97
N ARG B 123 11.12 17.23 4.11
CA ARG B 123 10.45 16.75 5.31
C ARG B 123 9.24 15.93 4.89
N SER B 124 9.30 15.37 3.68
CA SER B 124 8.17 14.60 3.16
C SER B 124 7.95 13.22 3.75
N GLY B 125 6.78 12.68 3.46
CA GLY B 125 6.43 11.35 3.91
C GLY B 125 5.53 10.71 2.86
N SER B 126 5.23 9.44 3.03
CA SER B 126 4.35 8.78 2.08
C SER B 126 3.74 7.54 2.67
N THR B 127 2.46 7.36 2.38
CA THR B 127 1.81 6.14 2.83
C THR B 127 2.02 5.16 1.68
N ALA B 128 1.64 3.91 1.89
CA ALA B 128 1.74 2.92 0.86
C ALA B 128 0.65 1.86 1.05
N VAL B 129 0.09 1.41 -0.07
CA VAL B 129 -0.87 0.33 -0.06
C VAL B 129 -0.54 -0.45 -1.31
N GLY B 130 -0.48 -1.78 -1.22
CA GLY B 130 -0.18 -2.53 -2.42
C GLY B 130 -0.50 -3.98 -2.25
N VAL B 131 -0.27 -4.75 -3.33
CA VAL B 131 -0.48 -6.18 -3.30
C VAL B 131 0.72 -6.80 -4.00
N LEU B 132 1.30 -7.79 -3.34
CA LEU B 132 2.43 -8.53 -3.89
C LEU B 132 1.73 -9.86 -4.26
N ILE B 133 1.72 -10.16 -5.54
CA ILE B 133 1.00 -11.35 -5.98
C ILE B 133 1.90 -12.46 -6.47
N SER B 134 1.79 -13.61 -5.83
CA SER B 134 2.55 -14.79 -6.24
C SER B 134 1.53 -15.72 -6.93
N PRO B 135 1.99 -16.85 -7.48
CA PRO B 135 1.06 -17.76 -8.14
C PRO B 135 -0.13 -18.21 -7.27
N GLN B 136 0.12 -18.42 -5.99
CA GLN B 136 -0.90 -18.90 -5.05
C GLN B 136 -1.42 -17.88 -4.02
N HIS B 137 -0.73 -16.74 -3.89
CA HIS B 137 -1.12 -15.76 -2.87
C HIS B 137 -1.23 -14.32 -3.30
N THR B 138 -2.19 -13.62 -2.72
CA THR B 138 -2.31 -12.19 -2.94
C THR B 138 -1.98 -11.64 -1.54
N TYR B 139 -0.86 -10.95 -1.44
CA TYR B 139 -0.41 -10.36 -0.18
C TYR B 139 -0.82 -8.90 -0.14
N PHE B 140 -1.87 -8.59 0.61
CA PHE B 140 -2.27 -7.18 0.73
C PHE B 140 -1.29 -6.54 1.69
N ILE B 141 -0.86 -5.32 1.38
CA ILE B 141 0.11 -4.60 2.19
C ILE B 141 -0.40 -3.20 2.43
N ASN B 142 -0.56 -2.82 3.70
CA ASN B 142 -1.00 -1.48 4.01
C ASN B 142 -0.19 -0.74 5.07
N CYS B 143 0.17 0.49 4.76
CA CYS B 143 0.88 1.34 5.69
C CYS B 143 0.33 2.73 5.41
N GLY B 144 -0.76 3.05 6.07
CA GLY B 144 -1.37 4.36 5.89
C GLY B 144 -2.87 4.35 5.71
N GLU B 145 -3.35 5.41 5.05
CA GLU B 145 -4.78 5.61 4.84
C GLU B 145 -5.24 5.43 3.40
N SER B 146 -4.38 4.83 2.59
CA SER B 146 -4.79 4.46 1.23
C SER B 146 -5.51 3.13 1.50
N ARG B 147 -6.17 2.54 0.52
CA ARG B 147 -6.88 1.29 0.75
C ARG B 147 -6.86 0.34 -0.46
N GLY B 148 -6.82 -0.95 -0.16
CA GLY B 148 -6.83 -1.99 -1.18
C GLY B 148 -8.10 -2.80 -1.01
N LEU B 149 -8.70 -3.25 -2.10
CA LEU B 149 -9.94 -4.03 -1.98
C LEU B 149 -9.93 -5.19 -2.97
N LEU B 150 -10.45 -6.34 -2.57
CA LEU B 150 -10.51 -7.52 -3.45
C LEU B 150 -11.97 -7.89 -3.72
N CYS B 151 -12.32 -8.02 -5.00
CA CYS B 151 -13.67 -8.45 -5.37
C CYS B 151 -13.59 -9.93 -5.74
N ARG B 152 -14.44 -10.73 -5.11
CA ARG B 152 -14.46 -12.17 -5.39
C ARG B 152 -15.92 -12.63 -5.42
N ASN B 153 -16.24 -13.42 -6.43
CA ASN B 153 -17.59 -13.95 -6.62
C ASN B 153 -18.65 -12.83 -6.56
N ARG B 154 -18.34 -11.75 -7.26
CA ARG B 154 -19.18 -10.56 -7.36
C ARG B 154 -19.40 -9.74 -6.09
N LYS B 155 -18.58 -9.94 -5.06
CA LYS B 155 -18.74 -9.16 -3.83
C LYS B 155 -17.44 -8.74 -3.16
N VAL B 156 -17.53 -7.76 -2.25
CA VAL B 156 -16.35 -7.30 -1.52
C VAL B 156 -15.89 -8.46 -0.65
N HIS B 157 -14.72 -8.99 -0.95
CA HIS B 157 -14.18 -10.11 -0.20
C HIS B 157 -13.24 -9.67 0.93
N PHE B 158 -12.50 -8.58 0.72
CA PHE B 158 -11.57 -8.05 1.72
C PHE B 158 -11.12 -6.67 1.32
N PHE B 159 -10.80 -5.82 2.30
CA PHE B 159 -10.27 -4.49 2.05
C PHE B 159 -9.37 -4.20 3.25
N THR B 160 -8.33 -3.39 3.04
CA THR B 160 -7.35 -3.07 4.08
C THR B 160 -7.88 -2.14 5.14
N GLN B 161 -7.26 -2.19 6.32
CA GLN B 161 -7.68 -1.37 7.43
C GLN B 161 -6.85 -0.09 7.47
N ASP B 162 -7.49 1.03 7.17
CA ASP B 162 -6.85 2.34 7.14
C ASP B 162 -6.19 2.66 8.48
N HIS B 163 -5.00 3.23 8.45
CA HIS B 163 -4.35 3.60 9.69
C HIS B 163 -4.68 5.04 10.06
N LYS B 164 -5.67 5.19 10.92
CA LYS B 164 -6.07 6.52 11.40
C LYS B 164 -5.58 6.73 12.83
N PRO B 165 -5.09 7.94 13.14
CA PRO B 165 -4.57 8.31 14.48
C PRO B 165 -5.56 7.98 15.59
N SER B 166 -6.87 8.07 15.27
CA SER B 166 -7.95 7.75 16.21
C SER B 166 -8.17 6.24 16.47
N ASN B 167 -7.75 5.38 15.56
CA ASN B 167 -7.92 3.94 15.77
C ASN B 167 -7.20 3.66 17.09
N PRO B 168 -7.75 2.77 17.92
CA PRO B 168 -7.17 2.43 19.23
C PRO B 168 -5.70 2.00 19.24
N LEU B 169 -5.30 1.13 18.31
CA LEU B 169 -3.93 0.68 18.30
C LEU B 169 -3.00 1.85 17.96
N GLU B 170 -3.51 2.77 17.15
CA GLU B 170 -2.67 3.91 16.74
C GLU B 170 -2.61 4.89 17.90
N LYS B 171 -3.76 5.21 18.46
CA LYS B 171 -3.84 6.12 19.59
C LYS B 171 -2.90 5.62 20.72
N GLU B 172 -2.95 4.32 20.99
CA GLU B 172 -2.11 3.72 22.04
C GLU B 172 -0.64 4.00 21.79
N ARG B 173 -0.18 3.66 20.59
CA ARG B 173 1.23 3.86 20.24
C ARG B 173 1.64 5.35 20.34
N ILE B 174 0.82 6.24 19.79
CA ILE B 174 1.09 7.66 19.81
C ILE B 174 1.23 8.24 21.21
N GLN B 175 0.33 7.85 22.11
CA GLN B 175 0.35 8.33 23.49
C GLN B 175 1.54 7.73 24.25
N ASN B 176 1.88 6.47 23.96
CA ASN B 176 3.02 5.80 24.57
C ASN B 176 4.31 6.55 24.20
N ALA B 177 4.34 7.10 22.97
CA ALA B 177 5.50 7.84 22.49
C ALA B 177 5.48 9.29 22.94
N GLY B 178 4.62 9.60 23.91
CA GLY B 178 4.55 10.96 24.41
C GLY B 178 3.73 11.94 23.58
N GLY B 179 3.05 11.46 22.54
CA GLY B 179 2.26 12.36 21.73
C GLY B 179 0.78 12.37 22.09
N SER B 180 -0.03 12.99 21.25
CA SER B 180 -1.45 13.03 21.51
C SER B 180 -2.23 13.00 20.21
N VAL B 181 -3.52 12.67 20.30
CA VAL B 181 -4.36 12.71 19.12
C VAL B 181 -5.27 13.89 19.39
N MET B 182 -5.04 14.99 18.68
CA MET B 182 -5.87 16.18 18.83
C MET B 182 -6.51 16.42 17.48
N ILE B 183 -7.79 16.79 17.49
CA ILE B 183 -8.55 16.99 16.28
C ILE B 183 -8.28 15.86 15.27
N GLN B 184 -8.25 14.63 15.80
CA GLN B 184 -8.06 13.40 15.03
C GLN B 184 -6.74 13.29 14.28
N ARG B 185 -5.74 14.03 14.75
CA ARG B 185 -4.45 14.05 14.09
C ARG B 185 -3.32 13.81 15.07
N VAL B 186 -2.20 13.28 14.57
CA VAL B 186 -1.04 13.05 15.42
C VAL B 186 -0.51 14.42 15.83
N ASN B 187 -0.53 14.69 17.13
CA ASN B 187 -0.11 15.97 17.70
C ASN B 187 -0.85 17.14 17.09
N GLY B 188 -2.09 16.87 16.70
CA GLY B 188 -2.92 17.90 16.10
C GLY B 188 -2.55 18.27 14.67
N SER B 189 -1.64 17.53 14.06
CA SER B 189 -1.21 17.86 12.69
C SER B 189 -1.50 16.82 11.61
N LEU B 190 -0.80 15.68 11.65
CA LEU B 190 -0.94 14.62 10.66
C LEU B 190 -2.22 13.81 10.72
N ALA B 191 -2.91 13.72 9.60
CA ALA B 191 -4.13 12.92 9.53
C ALA B 191 -3.83 11.44 9.28
N VAL B 192 -2.55 11.05 9.27
CA VAL B 192 -2.23 9.64 9.07
C VAL B 192 -1.23 9.16 10.14
N SER B 193 -1.46 7.97 10.68
CA SER B 193 -0.61 7.45 11.76
C SER B 193 0.57 6.58 11.32
N ARG B 194 0.52 6.07 10.09
CA ARG B 194 1.61 5.25 9.60
C ARG B 194 2.05 5.74 8.26
N ALA B 195 3.36 5.72 8.02
CA ALA B 195 3.92 6.19 6.75
C ALA B 195 5.42 6.03 6.76
N LEU B 196 6.03 6.10 5.58
CA LEU B 196 7.50 6.06 5.46
C LEU B 196 7.89 7.55 5.52
N GLY B 197 9.11 7.86 5.90
CA GLY B 197 9.47 9.28 5.97
C GLY B 197 8.91 9.98 7.18
N ASP B 198 8.53 11.25 7.04
CA ASP B 198 8.04 12.04 8.20
C ASP B 198 9.01 11.81 9.39
N PHE B 199 10.29 11.96 9.15
CA PHE B 199 11.26 11.72 10.21
C PHE B 199 11.18 12.58 11.48
N ASP B 200 10.54 13.74 11.42
CA ASP B 200 10.38 14.58 12.61
C ASP B 200 9.48 13.87 13.61
N TYR B 201 8.64 12.97 13.12
CA TYR B 201 7.73 12.22 13.98
C TYR B 201 8.33 10.89 14.41
N LYS B 202 9.61 10.69 14.10
CA LYS B 202 10.26 9.45 14.46
C LYS B 202 11.55 9.65 15.24
N CYS B 203 11.58 10.69 16.06
CA CYS B 203 12.76 10.98 16.88
C CYS B 203 12.49 10.78 18.40
N VAL B 204 11.58 9.88 18.75
CA VAL B 204 11.27 9.62 20.15
C VAL B 204 12.32 8.67 20.73
N HIS B 205 13.18 9.21 21.59
CA HIS B 205 14.23 8.40 22.20
C HIS B 205 13.63 7.43 23.20
N GLY B 206 14.17 6.23 23.24
CA GLY B 206 13.66 5.24 24.17
C GLY B 206 12.54 4.43 23.54
N LYS B 207 12.30 4.65 22.26
CA LYS B 207 11.27 3.91 21.56
C LYS B 207 11.88 3.38 20.28
N GLY B 208 11.57 2.12 19.96
CA GLY B 208 12.06 1.50 18.76
C GLY B 208 11.40 2.08 17.51
N PRO B 209 11.82 1.67 16.32
CA PRO B 209 11.28 2.15 15.04
C PRO B 209 9.78 2.01 14.88
N THR B 210 9.20 0.93 15.39
CA THR B 210 7.77 0.76 15.24
C THR B 210 6.97 1.31 16.40
N GLU B 211 7.63 2.07 17.27
CA GLU B 211 6.95 2.64 18.45
C GLU B 211 7.00 4.15 18.45
N GLN B 212 7.38 4.72 17.32
CA GLN B 212 7.47 6.17 17.13
C GLN B 212 6.06 6.79 16.98
N LEU B 213 5.97 8.12 16.89
CA LEU B 213 4.67 8.77 16.74
C LEU B 213 4.02 8.30 15.44
N VAL B 214 4.84 8.23 14.39
CA VAL B 214 4.34 7.75 13.11
C VAL B 214 5.10 6.45 12.90
N SER B 215 4.38 5.38 12.58
CA SER B 215 5.04 4.10 12.38
C SER B 215 5.22 3.67 10.93
N PRO B 216 6.40 3.14 10.57
CA PRO B 216 6.69 2.67 9.20
C PRO B 216 6.30 1.18 9.06
N GLU B 217 5.70 0.61 10.09
CA GLU B 217 5.35 -0.80 10.06
C GLU B 217 4.12 -1.09 9.26
N PRO B 218 4.22 -1.99 8.28
CA PRO B 218 3.03 -2.30 7.48
C PRO B 218 2.19 -3.46 8.02
N GLU B 219 0.97 -3.53 7.55
CA GLU B 219 0.13 -4.65 7.95
C GLU B 219 0.03 -5.46 6.68
N VAL B 220 0.23 -6.76 6.80
CA VAL B 220 0.20 -7.65 5.67
C VAL B 220 -0.85 -8.69 5.88
N HIS B 221 -1.71 -8.87 4.87
CA HIS B 221 -2.75 -9.88 4.96
C HIS B 221 -2.64 -10.78 3.75
N ASP B 222 -2.40 -12.07 3.97
CA ASP B 222 -2.28 -12.98 2.86
C ASP B 222 -3.62 -13.65 2.58
N ILE B 223 -3.96 -13.77 1.30
CA ILE B 223 -5.20 -14.38 0.86
C ILE B 223 -4.86 -15.49 -0.15
N GLU B 224 -5.39 -16.67 0.10
CA GLU B 224 -5.18 -17.80 -0.78
C GLU B 224 -5.93 -17.49 -2.07
N ARG B 225 -5.22 -17.47 -3.19
CA ARG B 225 -5.84 -17.16 -4.47
C ARG B 225 -6.88 -18.20 -4.89
N SER B 226 -7.91 -17.74 -5.59
CA SER B 226 -8.98 -18.59 -6.11
C SER B 226 -9.10 -18.29 -7.60
N GLU B 227 -8.52 -19.18 -8.41
CA GLU B 227 -8.53 -19.05 -9.85
C GLU B 227 -9.94 -18.90 -10.38
N GLU B 228 -10.88 -19.60 -9.77
CA GLU B 228 -12.26 -19.55 -10.26
C GLU B 228 -13.09 -18.35 -9.79
N ASP B 229 -12.81 -17.85 -8.59
CA ASP B 229 -13.64 -16.77 -8.04
C ASP B 229 -13.06 -15.36 -8.00
N ASP B 230 -11.73 -15.28 -7.91
CA ASP B 230 -11.07 -13.99 -7.87
C ASP B 230 -11.40 -13.19 -9.12
N GLN B 231 -11.86 -11.96 -8.92
CA GLN B 231 -12.22 -11.15 -10.06
C GLN B 231 -11.30 -9.97 -10.27
N PHE B 232 -11.18 -9.10 -9.27
CA PHE B 232 -10.32 -7.92 -9.38
C PHE B 232 -9.92 -7.28 -8.04
N ILE B 233 -8.87 -6.48 -8.13
CA ILE B 233 -8.34 -5.75 -6.98
C ILE B 233 -8.23 -4.27 -7.36
N ILE B 234 -8.60 -3.42 -6.42
CA ILE B 234 -8.55 -1.99 -6.55
C ILE B 234 -7.62 -1.44 -5.49
N LEU B 235 -6.62 -0.67 -5.92
CA LEU B 235 -5.74 0.01 -5.00
C LEU B 235 -5.95 1.49 -5.29
N ALA B 236 -6.14 2.28 -4.25
CA ALA B 236 -6.34 3.71 -4.46
C ALA B 236 -6.06 4.46 -3.18
N CYS B 237 -5.67 5.74 -3.33
CA CYS B 237 -5.41 6.63 -2.21
C CYS B 237 -6.75 7.13 -1.64
N ASP B 238 -6.70 7.83 -0.50
CA ASP B 238 -7.91 8.32 0.13
C ASP B 238 -8.66 9.38 -0.70
N GLY B 239 -8.00 9.88 -1.74
CA GLY B 239 -8.63 10.84 -2.63
C GLY B 239 -9.84 10.20 -3.31
N ILE B 240 -9.83 8.87 -3.37
CA ILE B 240 -10.93 8.09 -3.93
C ILE B 240 -11.86 7.66 -2.79
N TRP B 241 -11.32 6.90 -1.84
CA TRP B 241 -12.06 6.35 -0.70
C TRP B 241 -12.82 7.36 0.18
N ASP B 242 -12.34 8.59 0.28
CA ASP B 242 -13.04 9.60 1.05
C ASP B 242 -14.43 9.89 0.45
N VAL B 243 -14.59 9.68 -0.86
CA VAL B 243 -15.88 9.98 -1.47
C VAL B 243 -16.64 8.78 -2.05
N MET B 244 -16.04 7.60 -1.99
CA MET B 244 -16.72 6.40 -2.47
C MET B 244 -16.47 5.26 -1.49
N GLY B 245 -17.53 4.53 -1.18
CA GLY B 245 -17.41 3.41 -0.25
C GLY B 245 -16.94 2.11 -0.90
N ASN B 246 -16.58 1.14 -0.07
CA ASN B 246 -16.08 -0.15 -0.54
C ASN B 246 -17.09 -0.84 -1.46
N GLU B 247 -18.29 -1.06 -0.94
CA GLU B 247 -19.34 -1.71 -1.72
C GLU B 247 -19.66 -0.91 -3.00
N GLU B 248 -19.80 0.41 -2.86
CA GLU B 248 -20.11 1.30 -3.98
C GLU B 248 -19.09 1.24 -5.12
N LEU B 249 -17.82 1.45 -4.79
CA LEU B 249 -16.77 1.42 -5.80
C LEU B 249 -16.65 0.01 -6.41
N CYS B 250 -16.85 -1.02 -5.60
CA CYS B 250 -16.75 -2.39 -6.09
C CYS B 250 -17.89 -2.64 -7.10
N ASP B 251 -19.10 -2.19 -6.78
CA ASP B 251 -20.22 -2.39 -7.69
C ASP B 251 -19.99 -1.60 -8.98
N PHE B 252 -19.46 -0.39 -8.84
CA PHE B 252 -19.20 0.48 -9.98
C PHE B 252 -18.20 -0.12 -10.96
N VAL B 253 -17.07 -0.58 -10.43
CA VAL B 253 -16.04 -1.18 -11.26
C VAL B 253 -16.57 -2.47 -11.90
N ARG B 254 -17.28 -3.28 -11.12
CA ARG B 254 -17.80 -4.53 -11.64
C ARG B 254 -18.77 -4.30 -12.78
N SER B 255 -19.63 -3.30 -12.64
CA SER B 255 -20.59 -3.00 -13.70
C SER B 255 -19.83 -2.51 -14.93
N ARG B 256 -18.82 -1.66 -14.73
CA ARG B 256 -18.06 -1.15 -15.88
C ARG B 256 -17.37 -2.30 -16.62
N LEU B 257 -16.79 -3.24 -15.87
CA LEU B 257 -16.12 -4.38 -16.47
C LEU B 257 -17.03 -5.25 -17.31
N GLU B 258 -18.33 -5.10 -17.09
CA GLU B 258 -19.30 -5.88 -17.84
C GLU B 258 -19.52 -5.29 -19.22
N VAL B 259 -19.12 -4.03 -19.41
CA VAL B 259 -19.27 -3.37 -20.70
C VAL B 259 -17.96 -2.99 -21.38
N THR B 260 -16.84 -3.18 -20.69
CA THR B 260 -15.55 -2.87 -21.29
C THR B 260 -14.42 -3.60 -20.58
N ASP B 261 -13.35 -3.84 -21.33
CA ASP B 261 -12.17 -4.48 -20.75
C ASP B 261 -11.00 -3.52 -20.81
N ASP B 262 -11.29 -2.26 -21.14
CA ASP B 262 -10.28 -1.21 -21.21
C ASP B 262 -10.12 -0.69 -19.77
N LEU B 263 -9.12 -1.24 -19.08
CA LEU B 263 -8.84 -0.91 -17.70
C LEU B 263 -8.46 0.55 -17.42
N GLU B 264 -7.72 1.18 -18.33
CA GLU B 264 -7.36 2.58 -18.14
C GLU B 264 -8.64 3.42 -18.13
N LYS B 265 -9.57 3.06 -19.01
CA LYS B 265 -10.85 3.74 -19.11
C LYS B 265 -11.64 3.56 -17.80
N VAL B 266 -11.78 2.32 -17.33
CA VAL B 266 -12.51 2.13 -16.07
C VAL B 266 -11.88 2.99 -14.96
N CYS B 267 -10.55 3.00 -14.89
CA CYS B 267 -9.84 3.79 -13.88
C CYS B 267 -10.12 5.27 -14.05
N ASN B 268 -10.13 5.74 -15.29
CA ASN B 268 -10.40 7.15 -15.58
C ASN B 268 -11.79 7.52 -15.11
N GLU B 269 -12.73 6.58 -15.29
CA GLU B 269 -14.11 6.80 -14.89
C GLU B 269 -14.22 6.83 -13.37
N VAL B 270 -13.45 5.98 -12.69
CA VAL B 270 -13.44 6.01 -11.22
C VAL B 270 -12.98 7.42 -10.76
N VAL B 271 -11.88 7.89 -11.36
CA VAL B 271 -11.30 9.18 -11.01
C VAL B 271 -12.25 10.33 -11.29
N ASP B 272 -12.89 10.33 -12.46
CA ASP B 272 -13.84 11.38 -12.81
C ASP B 272 -15.05 11.35 -11.89
N THR B 273 -15.53 10.15 -11.57
CA THR B 273 -16.68 10.02 -10.66
C THR B 273 -16.34 10.63 -9.28
N CYS B 274 -15.14 10.34 -8.78
CA CYS B 274 -14.73 10.88 -7.48
C CYS B 274 -14.59 12.39 -7.52
N LEU B 275 -14.03 12.90 -8.62
CA LEU B 275 -13.90 14.35 -8.75
C LEU B 275 -15.30 15.01 -8.74
N TYR B 276 -16.24 14.38 -9.47
CA TYR B 276 -17.63 14.84 -9.57
C TYR B 276 -18.26 14.79 -8.18
N LYS B 277 -17.94 13.73 -7.44
CA LYS B 277 -18.46 13.58 -6.09
C LYS B 277 -17.87 14.61 -5.11
N GLY B 278 -16.92 15.42 -5.58
CA GLY B 278 -16.36 16.42 -4.71
C GLY B 278 -14.97 16.23 -4.13
N SER B 279 -14.30 15.13 -4.46
CA SER B 279 -12.96 14.91 -3.92
C SER B 279 -12.04 16.02 -4.42
N ARG B 280 -11.36 16.69 -3.49
CA ARG B 280 -10.47 17.76 -3.86
C ARG B 280 -8.99 17.35 -3.72
N ASP B 281 -8.76 16.06 -3.53
CA ASP B 281 -7.41 15.53 -3.35
C ASP B 281 -6.80 14.95 -4.63
N ASN B 282 -5.50 14.66 -4.60
CA ASN B 282 -4.82 14.00 -5.73
C ASN B 282 -5.51 12.64 -5.75
N MET B 283 -5.55 11.99 -6.91
CA MET B 283 -6.21 10.68 -7.00
C MET B 283 -5.38 9.71 -7.81
N SER B 284 -5.24 8.50 -7.30
CA SER B 284 -4.51 7.45 -7.98
C SER B 284 -5.24 6.12 -7.75
N VAL B 285 -5.49 5.40 -8.83
CA VAL B 285 -6.15 4.12 -8.76
C VAL B 285 -5.53 3.12 -9.74
N ILE B 286 -5.34 1.90 -9.24
CA ILE B 286 -4.80 0.82 -10.05
C ILE B 286 -5.84 -0.29 -9.98
N LEU B 287 -6.15 -0.85 -11.16
CA LEU B 287 -7.11 -1.91 -11.27
C LEU B 287 -6.40 -3.14 -11.84
N ILE B 288 -6.38 -4.21 -11.06
CA ILE B 288 -5.76 -5.44 -11.53
C ILE B 288 -6.88 -6.46 -11.64
N CYS B 289 -7.01 -7.04 -12.83
CA CYS B 289 -8.01 -8.06 -13.11
C CYS B 289 -7.40 -9.45 -13.24
N PHE B 290 -8.11 -10.44 -12.72
CA PHE B 290 -7.68 -11.84 -12.75
C PHE B 290 -8.37 -12.50 -13.93
N PRO B 291 -7.94 -13.70 -14.33
CA PRO B 291 -8.59 -14.37 -15.48
C PRO B 291 -10.14 -14.39 -15.43
N ASN B 292 -10.71 -14.62 -14.26
CA ASN B 292 -12.17 -14.65 -14.19
C ASN B 292 -12.90 -13.37 -13.77
N ALA B 293 -12.37 -12.24 -14.19
CA ALA B 293 -13.01 -10.96 -13.91
C ALA B 293 -14.21 -10.95 -14.87
N PRO B 294 -15.19 -10.07 -14.64
CA PRO B 294 -16.37 -10.00 -15.51
C PRO B 294 -15.97 -9.82 -16.98
N LYS B 295 -16.41 -10.74 -17.84
CA LYS B 295 -16.08 -10.66 -19.27
C LYS B 295 -17.18 -9.95 -20.04
N VAL B 296 -16.81 -9.18 -21.06
CA VAL B 296 -17.80 -8.47 -21.87
C VAL B 296 -18.40 -9.38 -22.96
N GLY C 1 -41.31 -13.33 23.48
CA GLY C 1 -39.85 -13.23 23.45
C GLY C 1 -39.37 -11.91 22.88
N ALA C 2 -40.25 -10.91 22.92
CA ALA C 2 -39.90 -9.58 22.41
C ALA C 2 -39.27 -8.75 23.52
N PHE C 3 -40.04 -7.83 24.08
CA PHE C 3 -39.56 -6.98 25.16
C PHE C 3 -40.60 -6.99 26.26
N LEU C 4 -40.17 -6.65 27.48
CA LEU C 4 -41.06 -6.58 28.61
C LEU C 4 -41.88 -5.31 28.43
N ASP C 5 -42.90 -5.16 29.28
CA ASP C 5 -43.77 -3.99 29.25
C ASP C 5 -43.13 -2.88 30.07
N LYS C 6 -42.33 -3.29 31.06
CA LYS C 6 -41.62 -2.42 31.98
C LYS C 6 -40.30 -3.12 32.34
N PRO C 7 -39.16 -2.44 32.15
CA PRO C 7 -37.80 -2.94 32.41
C PRO C 7 -37.45 -3.40 33.83
N LYS C 8 -36.72 -4.51 33.90
CA LYS C 8 -36.25 -5.07 35.18
C LYS C 8 -35.02 -4.23 35.58
N MET C 9 -35.13 -3.50 36.69
CA MET C 9 -34.05 -2.62 37.20
C MET C 9 -33.12 -3.29 38.17
N GLU C 10 -33.51 -4.45 38.67
CA GLU C 10 -32.70 -5.19 39.60
C GLU C 10 -31.23 -5.24 39.14
N LYS C 11 -30.31 -5.14 40.09
CA LYS C 11 -28.90 -5.15 39.76
C LYS C 11 -28.19 -6.33 40.37
N HIS C 12 -27.17 -6.80 39.67
CA HIS C 12 -26.36 -7.87 40.19
C HIS C 12 -25.09 -7.07 40.38
N ASN C 13 -24.67 -6.88 41.63
CA ASN C 13 -23.47 -6.09 41.92
C ASN C 13 -22.42 -6.87 42.66
N ALA C 14 -21.17 -6.54 42.39
CA ALA C 14 -20.07 -7.16 43.10
C ALA C 14 -18.97 -6.13 43.16
N GLN C 15 -18.07 -6.31 44.12
CA GLN C 15 -16.94 -5.40 44.28
C GLN C 15 -15.82 -6.16 44.98
N GLY C 16 -14.61 -5.63 44.86
CA GLY C 16 -13.48 -6.26 45.49
C GLY C 16 -12.25 -5.39 45.38
N GLN C 17 -11.25 -5.69 46.20
CA GLN C 17 -10.00 -4.95 46.19
C GLN C 17 -8.89 -5.90 46.62
N GLY C 18 -7.79 -5.89 45.87
CA GLY C 18 -6.65 -6.75 46.16
C GLY C 18 -5.73 -6.67 44.96
N ASN C 19 -4.46 -7.05 45.11
CA ASN C 19 -3.50 -6.96 44.02
C ASN C 19 -3.36 -5.54 43.47
N GLY C 20 -3.64 -4.56 44.32
CA GLY C 20 -3.55 -3.17 43.92
C GLY C 20 -4.65 -2.72 42.97
N LEU C 21 -5.75 -3.47 42.93
CA LEU C 21 -6.88 -3.14 42.07
C LEU C 21 -8.14 -3.05 42.88
N ARG C 22 -9.10 -2.28 42.37
CA ARG C 22 -10.41 -2.13 42.99
C ARG C 22 -11.36 -2.34 41.83
N TYR C 23 -12.49 -2.98 42.04
CA TYR C 23 -13.43 -3.16 40.94
C TYR C 23 -14.84 -3.11 41.43
N GLY C 24 -15.73 -2.75 40.50
CA GLY C 24 -17.15 -2.69 40.76
C GLY C 24 -17.81 -3.25 39.49
N LEU C 25 -19.03 -3.77 39.63
CA LEU C 25 -19.72 -4.28 38.46
C LEU C 25 -21.22 -4.20 38.65
N SER C 26 -21.93 -4.24 37.54
CA SER C 26 -23.38 -4.17 37.57
C SER C 26 -23.97 -4.80 36.32
N SER C 27 -24.98 -5.65 36.53
CA SER C 27 -25.69 -6.33 35.45
C SER C 27 -27.15 -6.07 35.68
N MET C 28 -27.86 -5.84 34.60
CA MET C 28 -29.28 -5.55 34.71
C MET C 28 -29.97 -6.09 33.47
N GLN C 29 -31.10 -6.76 33.70
CA GLN C 29 -31.87 -7.33 32.60
C GLN C 29 -32.50 -6.27 31.68
N GLY C 30 -33.07 -5.21 32.25
CA GLY C 30 -33.66 -4.14 31.48
C GLY C 30 -34.94 -4.52 30.72
N TRP C 31 -35.07 -4.05 29.49
CA TRP C 31 -36.25 -4.33 28.68
C TRP C 31 -36.34 -5.75 28.08
N ARG C 32 -35.31 -6.57 28.23
CA ARG C 32 -35.34 -7.91 27.65
C ARG C 32 -36.06 -8.95 28.50
N VAL C 33 -36.86 -9.78 27.84
CA VAL C 33 -37.65 -10.82 28.49
C VAL C 33 -36.76 -11.79 29.25
N GLU C 34 -35.55 -11.98 28.75
CA GLU C 34 -34.61 -12.87 29.41
C GLU C 34 -33.34 -12.10 29.78
N MET C 35 -32.60 -12.62 30.74
CA MET C 35 -31.32 -12.04 31.13
C MET C 35 -30.31 -13.07 30.63
N GLU C 36 -29.50 -12.69 29.65
CA GLU C 36 -28.56 -13.65 29.12
C GLU C 36 -27.08 -13.30 29.33
N ASP C 37 -26.81 -12.26 30.13
CA ASP C 37 -25.42 -11.90 30.40
C ASP C 37 -24.91 -12.69 31.59
N ALA C 38 -23.61 -12.83 31.67
CA ALA C 38 -22.94 -13.48 32.77
C ALA C 38 -21.62 -12.72 32.87
N HIS C 39 -20.90 -12.91 33.96
CA HIS C 39 -19.63 -12.22 34.13
C HIS C 39 -18.71 -12.95 35.09
N THR C 40 -17.43 -12.60 35.03
CA THR C 40 -16.43 -13.18 35.90
C THR C 40 -15.62 -12.01 36.50
N ALA C 41 -15.33 -12.10 37.79
CA ALA C 41 -14.56 -11.08 38.48
C ALA C 41 -13.75 -11.80 39.56
N VAL C 42 -12.46 -12.00 39.31
CA VAL C 42 -11.61 -12.72 40.26
C VAL C 42 -10.27 -12.05 40.52
N ILE C 43 -9.97 -11.77 41.78
CA ILE C 43 -8.68 -11.20 42.14
C ILE C 43 -7.90 -12.37 42.78
N GLY C 44 -6.83 -12.81 42.15
CA GLY C 44 -6.07 -13.92 42.69
C GLY C 44 -6.61 -15.17 42.03
N LEU C 45 -5.84 -15.72 41.10
CA LEU C 45 -6.26 -16.88 40.34
C LEU C 45 -5.72 -18.21 40.87
N PRO C 46 -6.41 -19.33 40.56
CA PRO C 46 -5.93 -20.64 41.02
C PRO C 46 -4.65 -21.00 40.25
N SER C 47 -4.12 -22.20 40.50
CA SER C 47 -2.87 -22.64 39.86
C SER C 47 -1.71 -21.80 40.42
N GLY C 48 -1.91 -21.21 41.60
CA GLY C 48 -0.87 -20.39 42.20
C GLY C 48 -0.61 -19.02 41.58
N LEU C 49 -1.45 -18.55 40.65
CA LEU C 49 -1.28 -17.23 40.04
C LEU C 49 -1.98 -16.17 40.91
N GLU C 50 -1.57 -16.13 42.19
CA GLU C 50 -2.14 -15.26 43.20
C GLU C 50 -2.16 -13.77 42.93
N SER C 51 -1.14 -13.27 42.24
CA SER C 51 -1.05 -11.85 41.94
C SER C 51 -1.67 -11.45 40.59
N TRP C 52 -2.46 -12.36 40.02
CA TRP C 52 -3.12 -12.09 38.76
C TRP C 52 -4.62 -11.93 39.05
N SER C 53 -5.33 -11.23 38.17
CA SER C 53 -6.75 -11.02 38.32
C SER C 53 -7.41 -11.24 36.95
N PHE C 54 -8.69 -11.55 36.91
CA PHE C 54 -9.35 -11.76 35.63
C PHE C 54 -10.78 -11.24 35.72
N PHE C 55 -11.19 -10.51 34.69
CA PHE C 55 -12.53 -9.91 34.59
C PHE C 55 -13.06 -10.13 33.17
N ALA C 56 -14.35 -10.44 33.06
CA ALA C 56 -14.95 -10.68 31.76
C ALA C 56 -16.46 -10.51 31.80
N VAL C 57 -17.01 -10.15 30.66
CA VAL C 57 -18.44 -9.97 30.48
C VAL C 57 -18.82 -10.92 29.33
N TYR C 58 -19.86 -11.73 29.54
CA TYR C 58 -20.33 -12.66 28.51
C TYR C 58 -21.76 -12.30 28.09
N ASP C 59 -21.91 -11.84 26.86
CA ASP C 59 -23.22 -11.49 26.35
C ASP C 59 -23.83 -12.71 25.63
N GLY C 60 -24.71 -13.42 26.32
CA GLY C 60 -25.34 -14.58 25.70
C GLY C 60 -26.46 -14.24 24.72
N HIS C 61 -26.69 -15.16 23.79
CA HIS C 61 -27.78 -15.07 22.81
C HIS C 61 -28.38 -16.47 22.57
N ALA C 62 -29.68 -16.52 22.28
CA ALA C 62 -30.44 -17.76 22.06
C ALA C 62 -30.33 -18.68 23.27
N GLY C 63 -30.43 -18.11 24.46
CA GLY C 63 -30.31 -18.88 25.68
C GLY C 63 -29.12 -18.43 26.55
N SER C 64 -29.08 -18.92 27.79
CA SER C 64 -28.04 -18.56 28.75
C SER C 64 -26.98 -19.62 29.01
N GLN C 65 -27.18 -20.83 28.50
CA GLN C 65 -26.22 -21.91 28.77
C GLN C 65 -24.74 -21.66 28.46
N VAL C 66 -24.44 -21.21 27.25
CA VAL C 66 -23.05 -20.98 26.87
C VAL C 66 -22.39 -19.90 27.73
N ALA C 67 -23.09 -18.78 27.92
CA ALA C 67 -22.57 -17.67 28.72
C ALA C 67 -22.29 -18.10 30.14
N LYS C 68 -23.20 -18.89 30.71
CA LYS C 68 -23.06 -19.38 32.07
C LYS C 68 -21.86 -20.31 32.20
N TYR C 69 -21.76 -21.27 31.29
CA TYR C 69 -20.66 -22.20 31.33
C TYR C 69 -19.33 -21.44 31.22
N CYS C 70 -19.28 -20.48 30.29
CA CYS C 70 -18.06 -19.67 30.10
C CYS C 70 -17.69 -18.90 31.35
N CYS C 71 -18.65 -18.23 31.98
CA CYS C 71 -18.33 -17.45 33.17
C CYS C 71 -17.74 -18.32 34.30
N GLU C 72 -18.06 -19.61 34.28
CA GLU C 72 -17.58 -20.54 35.27
C GLU C 72 -16.34 -21.32 34.89
N HIS C 73 -16.11 -21.55 33.60
CA HIS C 73 -14.94 -22.35 33.19
C HIS C 73 -13.91 -21.75 32.22
N LEU C 74 -14.20 -20.60 31.60
CA LEU C 74 -13.23 -20.03 30.66
C LEU C 74 -11.84 -19.83 31.26
N LEU C 75 -11.79 -19.23 32.45
CA LEU C 75 -10.49 -18.96 33.09
C LEU C 75 -9.72 -20.25 33.20
N ASP C 76 -10.36 -21.28 33.76
CA ASP C 76 -9.73 -22.59 33.92
C ASP C 76 -9.16 -23.07 32.59
N HIS C 77 -9.99 -23.03 31.55
CA HIS C 77 -9.54 -23.47 30.23
C HIS C 77 -8.33 -22.69 29.74
N ILE C 78 -8.31 -21.39 29.99
CA ILE C 78 -7.21 -20.54 29.57
C ILE C 78 -5.91 -20.80 30.32
N THR C 79 -6.03 -21.15 31.59
CA THR C 79 -4.86 -21.39 32.43
C THR C 79 -4.43 -22.84 32.58
N ASN C 80 -5.09 -23.74 31.87
CA ASN C 80 -4.72 -25.15 31.93
C ASN C 80 -4.74 -25.82 30.54
N ASN C 81 -3.69 -25.55 29.76
CA ASN C 81 -3.58 -26.15 28.43
C ASN C 81 -2.09 -26.24 28.04
N GLN C 82 -1.81 -26.81 26.86
CA GLN C 82 -0.43 -26.97 26.42
C GLN C 82 0.35 -25.68 26.29
N ASP C 83 -0.37 -24.58 26.04
CA ASP C 83 0.32 -23.32 25.87
C ASP C 83 0.48 -22.53 27.15
N PHE C 84 -0.48 -22.72 28.04
CA PHE C 84 -0.47 -22.01 29.30
C PHE C 84 -0.90 -22.94 30.44
N LYS C 85 0.06 -23.33 31.26
CA LYS C 85 -0.27 -24.16 32.42
C LYS C 85 0.19 -23.30 33.58
N GLY C 86 -0.77 -22.65 34.22
CA GLY C 86 -0.49 -21.75 35.33
C GLY C 86 0.35 -22.30 36.45
N SER C 87 0.12 -23.56 36.81
CA SER C 87 0.87 -24.21 37.89
C SER C 87 2.32 -24.51 37.55
N ALA C 88 2.69 -24.39 36.27
CA ALA C 88 4.05 -24.69 35.87
C ALA C 88 5.03 -23.57 36.25
N GLY C 89 4.50 -22.41 36.56
CA GLY C 89 5.35 -21.30 36.93
C GLY C 89 4.98 -20.04 36.19
N ALA C 90 5.88 -19.06 36.20
CA ALA C 90 5.66 -17.80 35.52
C ALA C 90 5.70 -18.01 34.01
N PRO C 91 4.60 -17.74 33.32
CA PRO C 91 4.50 -17.90 31.87
C PRO C 91 5.10 -16.69 31.16
N SER C 92 5.32 -16.83 29.86
CA SER C 92 5.79 -15.73 29.05
C SER C 92 4.55 -15.07 28.46
N VAL C 93 4.74 -13.90 27.86
CA VAL C 93 3.67 -13.17 27.20
C VAL C 93 3.06 -14.04 26.08
N GLU C 94 3.92 -14.74 25.35
CA GLU C 94 3.43 -15.62 24.27
C GLU C 94 2.63 -16.77 24.82
N ASN C 95 3.12 -17.40 25.89
CA ASN C 95 2.41 -18.50 26.54
C ASN C 95 1.00 -18.02 26.89
N VAL C 96 0.90 -16.84 27.51
CA VAL C 96 -0.40 -16.29 27.88
C VAL C 96 -1.27 -16.04 26.65
N LYS C 97 -0.73 -15.38 25.64
CA LYS C 97 -1.54 -15.11 24.46
C LYS C 97 -2.00 -16.40 23.78
N ASN C 98 -1.10 -17.35 23.61
CA ASN C 98 -1.46 -18.61 22.97
C ASN C 98 -2.40 -19.39 23.86
N GLY C 99 -2.20 -19.27 25.17
CA GLY C 99 -3.06 -19.96 26.11
C GLY C 99 -4.51 -19.47 26.08
N ILE C 100 -4.69 -18.16 25.92
CA ILE C 100 -6.03 -17.59 25.88
C ILE C 100 -6.75 -18.11 24.62
N ARG C 101 -6.05 -18.12 23.49
CA ARG C 101 -6.63 -18.61 22.24
C ARG C 101 -6.98 -20.09 22.36
N THR C 102 -6.04 -20.88 22.90
CA THR C 102 -6.26 -22.31 23.07
C THR C 102 -7.42 -22.56 24.04
N GLY C 103 -7.52 -21.71 25.06
CA GLY C 103 -8.59 -21.80 26.05
C GLY C 103 -9.94 -21.65 25.35
N PHE C 104 -10.05 -20.63 24.49
CA PHE C 104 -11.29 -20.42 23.76
C PHE C 104 -11.62 -21.60 22.84
N LEU C 105 -10.65 -22.08 22.09
CA LEU C 105 -10.93 -23.19 21.18
C LEU C 105 -11.34 -24.47 21.92
N GLU C 106 -10.70 -24.75 23.05
CA GLU C 106 -11.00 -25.97 23.78
C GLU C 106 -12.31 -25.93 24.55
N ILE C 107 -12.66 -24.78 25.13
CA ILE C 107 -13.95 -24.72 25.83
C ILE C 107 -15.07 -24.80 24.79
N ASP C 108 -14.80 -24.31 23.58
CA ASP C 108 -15.81 -24.40 22.55
C ASP C 108 -16.09 -25.87 22.17
N GLU C 109 -15.04 -26.67 22.03
CA GLU C 109 -15.24 -28.08 21.67
C GLU C 109 -15.86 -28.83 22.84
N HIS C 110 -15.42 -28.51 24.06
CA HIS C 110 -15.98 -29.15 25.24
C HIS C 110 -17.47 -28.85 25.29
N MET C 111 -17.84 -27.58 25.13
CA MET C 111 -19.25 -27.22 25.16
C MET C 111 -20.02 -27.87 24.01
N ARG C 112 -19.35 -28.08 22.89
CA ARG C 112 -20.00 -28.70 21.76
C ARG C 112 -20.43 -30.15 22.07
N VAL C 113 -19.54 -30.93 22.69
CA VAL C 113 -19.87 -32.31 23.02
C VAL C 113 -21.02 -32.33 24.02
N MET C 114 -21.01 -31.35 24.93
CA MET C 114 -22.05 -31.23 25.93
C MET C 114 -23.38 -30.90 25.24
N SER C 115 -23.34 -30.03 24.24
CA SER C 115 -24.53 -29.66 23.49
C SER C 115 -25.03 -30.83 22.65
N GLU C 116 -24.12 -31.73 22.26
CA GLU C 116 -24.46 -32.90 21.46
C GLU C 116 -25.26 -33.89 22.32
N LYS C 117 -24.76 -34.14 23.51
CA LYS C 117 -25.40 -35.07 24.45
C LYS C 117 -26.79 -34.65 24.90
N LYS C 118 -27.26 -33.48 24.47
CA LYS C 118 -28.58 -33.03 24.85
C LYS C 118 -29.63 -33.23 23.77
N HIS C 119 -29.23 -33.83 22.64
CA HIS C 119 -30.14 -34.07 21.51
C HIS C 119 -30.84 -32.77 21.11
N GLY C 120 -32.03 -32.52 21.68
CA GLY C 120 -32.75 -31.29 21.40
C GLY C 120 -32.14 -30.27 22.34
N ALA C 121 -30.85 -30.00 22.11
CA ALA C 121 -30.10 -29.08 22.93
C ALA C 121 -30.47 -27.63 22.72
N ASP C 122 -29.81 -26.78 23.49
CA ASP C 122 -30.00 -25.35 23.39
C ASP C 122 -29.11 -24.96 22.21
N ARG C 123 -29.39 -23.82 21.61
CA ARG C 123 -28.60 -23.37 20.48
C ARG C 123 -27.95 -22.05 20.88
N SER C 124 -27.65 -21.91 22.18
CA SER C 124 -27.06 -20.67 22.67
C SER C 124 -25.61 -20.44 22.26
N GLY C 125 -25.18 -19.20 22.45
CA GLY C 125 -23.83 -18.79 22.16
C GLY C 125 -23.55 -17.58 23.03
N SER C 126 -22.32 -17.10 22.98
CA SER C 126 -22.00 -15.96 23.82
C SER C 126 -20.75 -15.28 23.33
N THR C 127 -20.77 -13.96 23.34
CA THR C 127 -19.58 -13.22 22.98
C THR C 127 -18.82 -13.15 24.32
N ALA C 128 -17.62 -12.60 24.28
CA ALA C 128 -16.84 -12.46 25.50
C ALA C 128 -15.86 -11.34 25.30
N VAL C 129 -15.64 -10.59 26.39
CA VAL C 129 -14.66 -9.52 26.42
C VAL C 129 -14.11 -9.53 27.84
N GLY C 130 -12.80 -9.36 27.96
CA GLY C 130 -12.22 -9.34 29.30
C GLY C 130 -10.79 -8.89 29.34
N VAL C 131 -10.23 -8.94 30.54
CA VAL C 131 -8.84 -8.61 30.76
C VAL C 131 -8.20 -9.58 31.74
N LEU C 132 -7.11 -10.19 31.32
CA LEU C 132 -6.37 -11.08 32.21
C LEU C 132 -5.26 -10.14 32.69
N ILE C 133 -5.22 -9.86 33.97
CA ILE C 133 -4.22 -8.93 34.48
C ILE C 133 -3.10 -9.56 35.29
N SER C 134 -1.86 -9.40 34.81
CA SER C 134 -0.70 -9.93 35.53
C SER C 134 0.01 -8.73 36.16
N PRO C 135 1.04 -8.96 36.98
CA PRO C 135 1.71 -7.80 37.57
C PRO C 135 2.46 -6.94 36.54
N GLN C 136 2.68 -7.47 35.35
CA GLN C 136 3.39 -6.69 34.33
C GLN C 136 2.57 -6.36 33.09
N HIS C 137 1.51 -7.11 32.85
CA HIS C 137 0.72 -6.90 31.64
C HIS C 137 -0.78 -6.95 31.82
N THR C 138 -1.47 -6.25 30.93
CA THR C 138 -2.93 -6.25 30.87
C THR C 138 -3.24 -6.88 29.53
N TYR C 139 -3.84 -8.07 29.56
CA TYR C 139 -4.21 -8.75 28.32
C TYR C 139 -5.68 -8.54 28.02
N PHE C 140 -6.00 -7.65 27.07
CA PHE C 140 -7.39 -7.41 26.65
C PHE C 140 -7.74 -8.59 25.75
N ILE C 141 -8.95 -9.11 25.93
CA ILE C 141 -9.44 -10.30 25.23
C ILE C 141 -10.81 -9.99 24.64
N ASN C 142 -10.97 -10.18 23.34
CA ASN C 142 -12.25 -9.91 22.74
C ASN C 142 -12.66 -10.94 21.70
N CYS C 143 -13.93 -11.33 21.79
CA CYS C 143 -14.53 -12.29 20.90
C CYS C 143 -15.98 -11.89 20.77
N GLY C 144 -16.26 -10.95 19.87
CA GLY C 144 -17.64 -10.52 19.67
C GLY C 144 -17.78 -9.02 19.60
N GLU C 145 -18.96 -8.51 19.94
CA GLU C 145 -19.23 -7.08 19.89
C GLU C 145 -19.36 -6.38 21.23
N SER C 146 -18.92 -7.01 22.30
CA SER C 146 -18.89 -6.30 23.57
C SER C 146 -17.55 -5.55 23.37
N ARG C 147 -17.16 -4.68 24.31
CA ARG C 147 -15.93 -3.93 24.14
C ARG C 147 -15.30 -3.58 25.49
N GLY C 148 -13.97 -3.53 25.50
CA GLY C 148 -13.22 -3.20 26.69
C GLY C 148 -12.43 -1.95 26.36
N LEU C 149 -12.30 -1.06 27.36
CA LEU C 149 -11.59 0.20 27.20
C LEU C 149 -10.62 0.46 28.35
N LEU C 150 -9.47 1.05 28.02
CA LEU C 150 -8.45 1.35 29.01
C LEU C 150 -8.25 2.86 29.05
N CYS C 151 -8.36 3.44 30.22
CA CYS C 151 -8.12 4.87 30.36
C CYS C 151 -6.76 5.01 31.06
N ARG C 152 -5.82 5.68 30.40
CA ARG C 152 -4.48 5.87 30.95
C ARG C 152 -4.14 7.34 30.81
N ASN C 153 -3.67 7.93 31.91
CA ASN C 153 -3.25 9.32 31.91
C ASN C 153 -4.40 10.23 31.48
N ARG C 154 -5.59 9.90 31.96
CA ARG C 154 -6.83 10.66 31.72
C ARG C 154 -7.35 10.67 30.30
N LYS C 155 -6.81 9.79 29.48
CA LYS C 155 -7.26 9.71 28.10
C LYS C 155 -7.65 8.26 27.78
N VAL C 156 -8.46 8.10 26.73
CA VAL C 156 -8.81 6.78 26.22
C VAL C 156 -7.46 6.35 25.63
N HIS C 157 -6.94 5.21 26.07
CA HIS C 157 -5.64 4.73 25.62
C HIS C 157 -5.75 3.51 24.71
N PHE C 158 -6.78 2.72 24.92
CA PHE C 158 -7.02 1.55 24.07
C PHE C 158 -8.41 1.03 24.29
N PHE C 159 -8.99 0.48 23.23
CA PHE C 159 -10.30 -0.15 23.29
C PHE C 159 -10.28 -1.25 22.25
N THR C 160 -10.99 -2.32 22.55
CA THR C 160 -11.05 -3.47 21.67
C THR C 160 -11.83 -3.18 20.39
N GLN C 161 -11.54 -3.99 19.37
CA GLN C 161 -12.18 -3.84 18.06
C GLN C 161 -13.37 -4.77 17.95
N ASP C 162 -14.56 -4.21 17.85
CA ASP C 162 -15.78 -5.01 17.76
C ASP C 162 -15.75 -5.93 16.54
N HIS C 163 -16.21 -7.16 16.73
CA HIS C 163 -16.26 -8.11 15.63
C HIS C 163 -17.61 -8.02 14.96
N LYS C 164 -17.71 -7.15 13.97
CA LYS C 164 -18.95 -6.97 13.24
C LYS C 164 -18.86 -7.80 11.98
N PRO C 165 -19.96 -8.48 11.60
CA PRO C 165 -20.01 -9.31 10.38
C PRO C 165 -19.54 -8.53 9.14
N SER C 166 -19.74 -7.21 9.16
CA SER C 166 -19.34 -6.34 8.05
C SER C 166 -17.85 -6.04 7.93
N ASN C 167 -17.10 -6.16 9.03
CA ASN C 167 -15.67 -5.89 8.98
C ASN C 167 -15.00 -6.78 7.92
N PRO C 168 -13.99 -6.24 7.22
CA PRO C 168 -13.30 -7.00 6.16
C PRO C 168 -12.86 -8.44 6.45
N LEU C 169 -12.17 -8.66 7.57
CA LEU C 169 -11.68 -10.00 7.92
C LEU C 169 -12.83 -10.97 8.28
N GLU C 170 -13.90 -10.44 8.85
CA GLU C 170 -15.05 -11.26 9.21
C GLU C 170 -15.82 -11.65 7.95
N LYS C 171 -15.99 -10.67 7.07
CA LYS C 171 -16.72 -10.85 5.81
C LYS C 171 -16.01 -11.91 4.95
N GLU C 172 -14.68 -11.81 4.93
CA GLU C 172 -13.85 -12.74 4.18
C GLU C 172 -14.12 -14.17 4.67
N ARG C 173 -14.01 -14.38 5.98
CA ARG C 173 -14.23 -15.72 6.53
C ARG C 173 -15.64 -16.23 6.22
N ILE C 174 -16.65 -15.42 6.55
CA ILE C 174 -18.05 -15.78 6.32
C ILE C 174 -18.26 -16.21 4.85
N GLN C 175 -17.80 -15.41 3.89
CA GLN C 175 -17.95 -15.75 2.49
C GLN C 175 -17.16 -17.01 2.12
N ASN C 176 -15.98 -17.19 2.71
CA ASN C 176 -15.19 -18.40 2.42
C ASN C 176 -15.90 -19.62 2.97
N ALA C 177 -16.71 -19.42 4.01
CA ALA C 177 -17.45 -20.51 4.63
C ALA C 177 -18.79 -20.74 3.94
N GLY C 178 -18.97 -20.15 2.77
CA GLY C 178 -20.21 -20.31 2.02
C GLY C 178 -21.38 -19.45 2.47
N GLY C 179 -21.14 -18.51 3.38
CA GLY C 179 -22.21 -17.65 3.86
C GLY C 179 -22.20 -16.27 3.24
N SER C 180 -23.13 -15.43 3.68
CA SER C 180 -23.22 -14.06 3.18
C SER C 180 -23.41 -13.19 4.40
N VAL C 181 -23.23 -11.90 4.22
CA VAL C 181 -23.46 -10.93 5.28
C VAL C 181 -24.59 -10.08 4.70
N MET C 182 -25.74 -10.10 5.35
CA MET C 182 -26.90 -9.35 4.89
C MET C 182 -27.49 -8.64 6.09
N ILE C 183 -27.80 -7.34 5.94
CA ILE C 183 -28.35 -6.54 7.03
C ILE C 183 -27.34 -6.55 8.18
N GLN C 184 -26.07 -6.64 7.82
CA GLN C 184 -24.98 -6.68 8.79
C GLN C 184 -25.02 -7.95 9.64
N ARG C 185 -25.73 -8.96 9.14
CA ARG C 185 -25.89 -10.22 9.85
C ARG C 185 -25.34 -11.41 9.06
N VAL C 186 -24.82 -12.41 9.77
CA VAL C 186 -24.32 -13.62 9.13
C VAL C 186 -25.55 -14.32 8.56
N ASN C 187 -25.54 -14.54 7.25
CA ASN C 187 -26.66 -15.16 6.51
C ASN C 187 -27.97 -14.39 6.73
N GLY C 188 -27.84 -13.10 7.03
CA GLY C 188 -29.00 -12.26 7.28
C GLY C 188 -29.77 -12.58 8.56
N SER C 189 -29.14 -13.31 9.49
CA SER C 189 -29.79 -13.68 10.74
C SER C 189 -28.99 -13.28 11.97
N LEU C 190 -27.98 -14.09 12.28
CA LEU C 190 -27.15 -13.87 13.45
C LEU C 190 -26.37 -12.56 13.33
N ALA C 191 -26.66 -11.62 14.22
CA ALA C 191 -26.00 -10.32 14.21
C ALA C 191 -24.61 -10.39 14.82
N VAL C 192 -24.09 -11.60 15.01
CA VAL C 192 -22.75 -11.75 15.57
C VAL C 192 -21.82 -12.55 14.67
N SER C 193 -20.57 -12.13 14.64
CA SER C 193 -19.54 -12.79 13.84
C SER C 193 -18.64 -13.71 14.68
N ARG C 194 -18.31 -13.32 15.91
CA ARG C 194 -17.46 -14.19 16.76
C ARG C 194 -18.15 -14.48 18.07
N ALA C 195 -18.10 -15.74 18.50
CA ALA C 195 -18.77 -16.15 19.73
C ALA C 195 -18.50 -17.61 20.02
N LEU C 196 -18.66 -17.99 21.29
CA LEU C 196 -18.53 -19.39 21.69
C LEU C 196 -19.94 -19.96 21.49
N GLY C 197 -20.08 -21.25 21.19
CA GLY C 197 -21.42 -21.75 20.97
C GLY C 197 -21.86 -21.51 19.54
N ASP C 198 -23.16 -21.33 19.32
CA ASP C 198 -23.72 -21.14 17.97
C ASP C 198 -23.19 -22.24 17.07
N PHE C 199 -23.24 -23.47 17.59
CA PHE C 199 -22.71 -24.62 16.85
C PHE C 199 -23.33 -24.86 15.47
N ASP C 200 -24.56 -24.40 15.27
CA ASP C 200 -25.21 -24.52 13.95
C ASP C 200 -24.41 -23.74 12.89
N TYR C 201 -23.66 -22.73 13.33
CA TYR C 201 -22.86 -21.92 12.43
C TYR C 201 -21.43 -22.39 12.36
N LYS C 202 -21.17 -23.54 12.95
CA LYS C 202 -19.84 -24.12 12.97
C LYS C 202 -19.90 -25.56 12.41
N CYS C 203 -20.71 -25.76 11.37
CA CYS C 203 -20.86 -27.08 10.77
C CYS C 203 -20.42 -27.09 9.30
N VAL C 204 -19.60 -26.12 8.92
CA VAL C 204 -19.12 -26.04 7.56
C VAL C 204 -18.00 -27.05 7.29
N HIS C 205 -18.28 -28.00 6.40
CA HIS C 205 -17.31 -29.03 6.01
C HIS C 205 -16.19 -28.41 5.19
N GLY C 206 -14.97 -28.87 5.43
CA GLY C 206 -13.85 -28.35 4.67
C GLY C 206 -13.24 -27.11 5.27
N LYS C 207 -13.61 -26.79 6.50
CA LYS C 207 -13.06 -25.60 7.15
C LYS C 207 -12.73 -25.88 8.61
N GLY C 208 -11.59 -25.35 9.06
CA GLY C 208 -11.18 -25.54 10.45
C GLY C 208 -12.10 -24.79 11.42
N PRO C 209 -11.88 -24.97 12.73
CA PRO C 209 -12.69 -24.32 13.78
C PRO C 209 -12.68 -22.79 13.68
N THR C 210 -11.56 -22.20 13.27
CA THR C 210 -11.53 -20.74 13.17
C THR C 210 -11.93 -20.24 11.80
N GLU C 211 -12.45 -21.14 10.95
CA GLU C 211 -12.86 -20.78 9.58
C GLU C 211 -14.34 -21.00 9.31
N GLN C 212 -15.10 -21.22 10.37
CA GLN C 212 -16.54 -21.44 10.30
C GLN C 212 -17.28 -20.12 10.07
N LEU C 213 -18.60 -20.14 9.92
CA LEU C 213 -19.36 -18.90 9.72
C LEU C 213 -19.21 -18.00 10.96
N VAL C 214 -19.21 -18.63 12.13
CA VAL C 214 -19.01 -17.93 13.40
C VAL C 214 -17.70 -18.47 13.99
N SER C 215 -16.82 -17.58 14.47
CA SER C 215 -15.55 -18.00 15.04
C SER C 215 -15.40 -17.80 16.54
N PRO C 216 -14.82 -18.80 17.24
CA PRO C 216 -14.61 -18.71 18.70
C PRO C 216 -13.21 -18.17 19.02
N GLU C 217 -12.48 -17.78 17.98
CA GLU C 217 -11.11 -17.28 18.13
C GLU C 217 -11.07 -15.90 18.76
N PRO C 218 -10.35 -15.73 19.87
CA PRO C 218 -10.35 -14.38 20.43
C PRO C 218 -9.20 -13.54 19.92
N GLU C 219 -9.37 -12.23 20.01
CA GLU C 219 -8.33 -11.28 19.64
C GLU C 219 -7.72 -10.91 20.99
N VAL C 220 -6.42 -11.10 21.11
CA VAL C 220 -5.71 -10.81 22.36
C VAL C 220 -4.72 -9.67 22.17
N HIS C 221 -4.87 -8.62 22.97
CA HIS C 221 -3.92 -7.52 22.86
C HIS C 221 -3.20 -7.29 24.19
N ASP C 222 -1.91 -7.58 24.22
CA ASP C 222 -1.12 -7.39 25.44
C ASP C 222 -0.63 -5.96 25.59
N ILE C 223 -0.87 -5.39 26.75
CA ILE C 223 -0.43 -4.03 27.02
C ILE C 223 0.49 -4.06 28.23
N GLU C 224 1.68 -3.51 28.09
CA GLU C 224 2.60 -3.43 29.21
C GLU C 224 1.97 -2.47 30.21
N ARG C 225 1.78 -2.93 31.44
CA ARG C 225 1.18 -2.08 32.47
C ARG C 225 2.06 -0.89 32.82
N SER C 226 1.40 0.19 33.19
CA SER C 226 2.05 1.42 33.60
C SER C 226 1.33 1.82 34.88
N GLU C 227 1.84 1.37 36.02
CA GLU C 227 1.19 1.69 37.28
C GLU C 227 1.13 3.20 37.51
N GLU C 228 2.02 3.93 36.88
CA GLU C 228 2.07 5.38 37.01
C GLU C 228 0.83 6.05 36.45
N ASP C 229 0.51 5.68 35.21
CA ASP C 229 -0.57 6.29 34.44
C ASP C 229 -1.86 5.53 34.24
N ASP C 230 -1.80 4.20 34.36
CA ASP C 230 -3.01 3.38 34.21
C ASP C 230 -4.06 3.87 35.19
N GLN C 231 -5.27 4.13 34.70
CA GLN C 231 -6.32 4.60 35.59
C GLN C 231 -7.45 3.63 35.76
N PHE C 232 -8.06 3.19 34.66
CA PHE C 232 -9.14 2.23 34.78
C PHE C 232 -9.46 1.51 33.49
N ILE C 233 -10.19 0.41 33.65
CA ILE C 233 -10.61 -0.42 32.55
C ILE C 233 -12.11 -0.57 32.67
N ILE C 234 -12.79 -0.43 31.53
CA ILE C 234 -14.24 -0.62 31.47
C ILE C 234 -14.54 -1.81 30.54
N LEU C 235 -15.32 -2.76 31.03
CA LEU C 235 -15.74 -3.88 30.22
C LEU C 235 -17.25 -3.77 30.21
N ALA C 236 -17.84 -3.87 29.03
CA ALA C 236 -19.28 -3.76 28.90
C ALA C 236 -19.74 -4.38 27.60
N CYS C 237 -21.00 -4.80 27.59
CA CYS C 237 -21.62 -5.40 26.42
C CYS C 237 -22.19 -4.28 25.55
N ASP C 238 -22.64 -4.60 24.35
CA ASP C 238 -23.18 -3.55 23.46
C ASP C 238 -24.49 -2.88 23.92
N GLY C 239 -25.08 -3.37 25.01
CA GLY C 239 -26.28 -2.75 25.55
C GLY C 239 -25.88 -1.38 26.10
N ILE C 240 -24.59 -1.26 26.40
CA ILE C 240 -24.00 -0.03 26.88
C ILE C 240 -23.40 0.75 25.69
N TRP C 241 -22.47 0.11 24.97
CA TRP C 241 -21.76 0.77 23.85
C TRP C 241 -22.66 1.25 22.70
N ASP C 242 -23.84 0.65 22.53
CA ASP C 242 -24.77 1.08 21.48
C ASP C 242 -25.34 2.49 21.74
N VAL C 243 -25.34 2.92 23.01
CA VAL C 243 -25.88 4.23 23.35
C VAL C 243 -24.86 5.22 23.91
N MET C 244 -23.67 4.75 24.26
CA MET C 244 -22.61 5.63 24.77
C MET C 244 -21.27 5.35 24.06
N GLY C 245 -20.66 6.40 23.53
CA GLY C 245 -19.39 6.27 22.83
C GLY C 245 -18.22 6.08 23.79
N ASN C 246 -17.05 5.81 23.23
CA ASN C 246 -15.83 5.59 24.01
C ASN C 246 -15.44 6.82 24.83
N GLU C 247 -15.29 7.97 24.17
CA GLU C 247 -14.91 9.18 24.89
C GLU C 247 -15.92 9.60 25.95
N GLU C 248 -17.18 9.57 25.57
CA GLU C 248 -18.28 9.95 26.43
C GLU C 248 -18.31 9.10 27.72
N LEU C 249 -18.29 7.79 27.57
CA LEU C 249 -18.35 6.92 28.73
C LEU C 249 -17.13 7.13 29.59
N CYS C 250 -15.97 7.27 28.94
CA CYS C 250 -14.71 7.47 29.66
C CYS C 250 -14.75 8.79 30.45
N ASP C 251 -15.25 9.85 29.83
CA ASP C 251 -15.38 11.15 30.48
C ASP C 251 -16.35 11.02 31.68
N PHE C 252 -17.46 10.31 31.47
CA PHE C 252 -18.48 10.10 32.51
C PHE C 252 -17.90 9.38 33.75
N VAL C 253 -17.22 8.28 33.51
CA VAL C 253 -16.65 7.51 34.60
C VAL C 253 -15.60 8.32 35.34
N ARG C 254 -14.71 8.95 34.58
CA ARG C 254 -13.63 9.76 35.13
C ARG C 254 -14.21 10.86 36.04
N SER C 255 -15.31 11.47 35.59
CA SER C 255 -15.96 12.53 36.35
C SER C 255 -16.54 11.95 37.63
N ARG C 256 -17.26 10.83 37.51
CA ARG C 256 -17.86 10.19 38.68
C ARG C 256 -16.85 9.75 39.75
N LEU C 257 -15.64 9.39 39.33
CA LEU C 257 -14.61 8.94 40.27
C LEU C 257 -14.03 10.08 41.12
N GLU C 258 -14.37 11.32 40.78
CA GLU C 258 -13.92 12.44 41.59
C GLU C 258 -15.03 12.82 42.57
N VAL C 259 -16.13 12.10 42.51
CA VAL C 259 -17.27 12.33 43.38
C VAL C 259 -17.50 11.19 44.33
N THR C 260 -17.30 9.96 43.87
CA THR C 260 -17.50 8.79 44.70
C THR C 260 -16.47 7.71 44.44
N ASP C 261 -16.15 6.91 45.47
CA ASP C 261 -15.23 5.81 45.27
C ASP C 261 -16.00 4.48 45.31
N ASP C 262 -17.32 4.59 45.31
CA ASP C 262 -18.20 3.43 45.32
C ASP C 262 -18.35 2.94 43.86
N LEU C 263 -17.47 2.02 43.47
CA LEU C 263 -17.44 1.47 42.13
C LEU C 263 -18.76 0.84 41.64
N GLU C 264 -19.46 0.15 42.54
CA GLU C 264 -20.75 -0.44 42.20
C GLU C 264 -21.74 0.68 41.88
N LYS C 265 -21.69 1.76 42.65
CA LYS C 265 -22.58 2.91 42.41
C LYS C 265 -22.30 3.48 41.01
N VAL C 266 -21.02 3.65 40.67
CA VAL C 266 -20.66 4.16 39.34
C VAL C 266 -21.19 3.20 38.25
N CYS C 267 -21.02 1.90 38.41
CA CYS C 267 -21.53 0.96 37.40
C CYS C 267 -23.06 1.05 37.29
N ASN C 268 -23.73 1.17 38.44
CA ASN C 268 -25.18 1.31 38.48
C ASN C 268 -25.60 2.57 37.73
N GLU C 269 -24.80 3.63 37.89
CA GLU C 269 -25.07 4.90 37.22
C GLU C 269 -24.89 4.80 35.70
N VAL C 270 -23.86 4.07 35.27
CA VAL C 270 -23.63 3.89 33.84
C VAL C 270 -24.81 3.10 33.24
N VAL C 271 -25.19 2.01 33.90
CA VAL C 271 -26.30 1.19 33.41
C VAL C 271 -27.63 1.95 33.38
N ASP C 272 -27.97 2.63 34.48
CA ASP C 272 -29.24 3.37 34.54
C ASP C 272 -29.26 4.48 33.50
N THR C 273 -28.11 5.12 33.33
CA THR C 273 -27.99 6.18 32.35
C THR C 273 -28.26 5.61 30.96
N CYS C 274 -27.68 4.45 30.68
CA CYS C 274 -27.86 3.85 29.36
C CYS C 274 -29.31 3.46 29.08
N LEU C 275 -29.99 2.99 30.12
CA LEU C 275 -31.40 2.62 30.03
C LEU C 275 -32.23 3.85 29.69
N TYR C 276 -32.03 4.95 30.43
CA TYR C 276 -32.77 6.19 30.18
C TYR C 276 -32.44 6.76 28.81
N LYS C 277 -31.28 6.41 28.28
CA LYS C 277 -30.89 6.86 26.94
C LYS C 277 -31.60 5.99 25.87
N GLY C 278 -32.36 4.99 26.29
CA GLY C 278 -33.08 4.17 25.34
C GLY C 278 -32.57 2.76 25.05
N SER C 279 -31.56 2.27 25.76
CA SER C 279 -31.08 0.92 25.48
C SER C 279 -32.12 -0.10 25.98
N ARG C 280 -32.58 -0.97 25.10
CA ARG C 280 -33.59 -1.97 25.47
C ARG C 280 -32.96 -3.35 25.63
N ASP C 281 -31.65 -3.39 25.85
CA ASP C 281 -30.95 -4.66 25.95
C ASP C 281 -30.45 -4.96 27.36
N ASN C 282 -30.02 -6.20 27.58
CA ASN C 282 -29.42 -6.58 28.86
C ASN C 282 -28.17 -5.68 28.89
N MET C 283 -27.75 -5.25 30.06
CA MET C 283 -26.55 -4.41 30.18
C MET C 283 -25.64 -4.92 31.30
N SER C 284 -24.35 -5.02 31.00
CA SER C 284 -23.35 -5.46 31.97
C SER C 284 -22.09 -4.60 31.87
N VAL C 285 -21.64 -4.10 33.02
CA VAL C 285 -20.46 -3.27 33.08
C VAL C 285 -19.59 -3.65 34.27
N ILE C 286 -18.29 -3.77 34.02
CA ILE C 286 -17.32 -4.03 35.08
C ILE C 286 -16.32 -2.87 35.00
N LEU C 287 -16.07 -2.24 36.14
CA LEU C 287 -15.14 -1.12 36.23
C LEU C 287 -13.97 -1.53 37.11
N ILE C 288 -12.77 -1.54 36.54
CA ILE C 288 -11.59 -1.91 37.29
C ILE C 288 -10.68 -0.70 37.39
N CYS C 289 -10.45 -0.25 38.62
CA CYS C 289 -9.59 0.88 38.85
C CYS C 289 -8.21 0.50 39.36
N PHE C 290 -7.22 1.18 38.79
CA PHE C 290 -5.82 1.02 39.17
C PHE C 290 -5.56 2.08 40.24
N PRO C 291 -4.41 2.00 40.94
CA PRO C 291 -4.09 2.96 42.01
C PRO C 291 -4.14 4.46 41.65
N ASN C 292 -3.71 4.81 40.45
CA ASN C 292 -3.70 6.21 40.08
C ASN C 292 -4.91 6.69 39.29
N ALA C 293 -6.04 6.03 39.52
CA ALA C 293 -7.32 6.39 38.89
C ALA C 293 -7.72 7.71 39.53
N PRO C 294 -8.67 8.45 38.93
CA PRO C 294 -9.09 9.72 39.52
C PRO C 294 -9.63 9.55 40.94
N LYS C 295 -9.93 8.32 41.35
CA LYS C 295 -10.49 8.10 42.69
C LYS C 295 -10.21 9.15 43.79
N VAL C 296 -11.27 9.85 44.19
CA VAL C 296 -11.19 10.86 45.24
C VAL C 296 -12.20 10.55 46.35
N MET D 1 24.37 -7.96 -31.31
CA MET D 1 23.70 -7.18 -30.28
C MET D 1 24.75 -6.29 -29.58
N ILE D 3 26.47 -6.58 -26.86
CA ILE D 3 27.63 -7.31 -26.36
C ILE D 3 27.71 -8.70 -27.00
N VAL D 5 27.88 -11.04 -29.83
CA VAL D 5 28.28 -10.79 -31.21
C VAL D 5 27.49 -11.50 -32.34
N ALA D 6 27.07 -12.72 -32.09
CA ALA D 6 26.33 -13.49 -33.08
C ALA D 6 24.89 -13.00 -33.17
N MET E 1 -7.15 17.24 5.00
CA MET E 1 -6.12 16.63 4.17
C MET E 1 -5.05 16.06 5.08
N ILE E 3 -2.05 17.07 5.86
CA ILE E 3 -1.44 18.08 6.73
C ILE E 3 -2.35 19.33 6.87
N VAL E 5 -5.44 21.10 7.62
CA VAL E 5 -6.52 20.62 8.45
C VAL E 5 -7.95 20.75 7.98
N ALA E 6 -8.25 21.77 7.18
CA ALA E 6 -9.62 21.96 6.72
C ALA E 6 -9.94 21.24 5.42
N MET F 1 -31.71 -6.71 17.74
CA MET F 1 -30.89 -7.42 18.71
C MET F 1 -30.00 -8.47 18.04
N ILE F 3 -30.31 -11.65 17.54
CA ILE F 3 -30.95 -12.66 16.71
C ILE F 3 -32.03 -12.07 15.78
N VAL F 5 -34.30 -9.12 13.87
CA VAL F 5 -34.20 -7.81 13.22
C VAL F 5 -35.08 -6.69 13.82
N ALA F 6 -36.35 -6.98 14.04
CA ALA F 6 -37.27 -5.98 14.61
C ALA F 6 -36.90 -5.65 16.05
#